data_1JRW
# 
_entry.id   1JRW 
# 
_audit_conform.dict_name       mmcif_pdbx.dic 
_audit_conform.dict_version    5.392 
_audit_conform.dict_location   http://mmcif.pdb.org/dictionaries/ascii/mmcif_pdbx.dic 
# 
loop_
_database_2.database_id 
_database_2.database_code 
_database_2.pdbx_database_accession 
_database_2.pdbx_DOI 
PDB   1JRW         pdb_00001jrw 10.2210/pdb1jrw/pdb 
RCSB  RCSB014117   ?            ?                   
WWPDB D_1000014117 ?            ?                   
# 
loop_
_pdbx_audit_revision_history.ordinal 
_pdbx_audit_revision_history.data_content_type 
_pdbx_audit_revision_history.major_revision 
_pdbx_audit_revision_history.minor_revision 
_pdbx_audit_revision_history.revision_date 
1 'Structure model' 1 0 2002-08-28 
2 'Structure model' 1 1 2008-04-27 
3 'Structure model' 1 2 2011-07-13 
4 'Structure model' 1 3 2022-02-23 
5 'Structure model' 1 4 2024-05-22 
# 
_pdbx_audit_revision_details.ordinal             1 
_pdbx_audit_revision_details.revision_ordinal    1 
_pdbx_audit_revision_details.data_content_type   'Structure model' 
_pdbx_audit_revision_details.provider            repository 
_pdbx_audit_revision_details.type                'Initial release' 
_pdbx_audit_revision_details.description         ? 
_pdbx_audit_revision_details.details             ? 
# 
loop_
_pdbx_audit_revision_group.ordinal 
_pdbx_audit_revision_group.revision_ordinal 
_pdbx_audit_revision_group.data_content_type 
_pdbx_audit_revision_group.group 
1 2 'Structure model' 'Version format compliance' 
2 3 'Structure model' 'Version format compliance' 
3 4 'Structure model' 'Data collection'           
4 4 'Structure model' 'Database references'       
5 4 'Structure model' 'Derived calculations'      
6 5 'Structure model' 'Data collection'           
# 
loop_
_pdbx_audit_revision_category.ordinal 
_pdbx_audit_revision_category.revision_ordinal 
_pdbx_audit_revision_category.data_content_type 
_pdbx_audit_revision_category.category 
1 4 'Structure model' database_2            
2 4 'Structure model' pdbx_nmr_software     
3 4 'Structure model' pdbx_struct_assembly  
4 4 'Structure model' pdbx_struct_oper_list 
5 5 'Structure model' chem_comp_atom        
6 5 'Structure model' chem_comp_bond        
# 
loop_
_pdbx_audit_revision_item.ordinal 
_pdbx_audit_revision_item.revision_ordinal 
_pdbx_audit_revision_item.data_content_type 
_pdbx_audit_revision_item.item 
1 4 'Structure model' '_database_2.pdbx_DOI'                
2 4 'Structure model' '_database_2.pdbx_database_accession' 
3 4 'Structure model' '_pdbx_nmr_software.name'             
# 
_pdbx_database_status.status_code                     REL 
_pdbx_database_status.entry_id                        1JRW 
_pdbx_database_status.recvd_initial_deposition_date   2001-08-15 
_pdbx_database_status.deposit_site                    RCSB 
_pdbx_database_status.process_site                    RCSB 
_pdbx_database_status.SG_entry                        . 
_pdbx_database_status.pdb_format_compatible           Y 
_pdbx_database_status.status_code_mr                  ? 
_pdbx_database_status.status_code_sf                  ? 
_pdbx_database_status.status_code_cs                  ? 
_pdbx_database_status.status_code_nmr_data            ? 
_pdbx_database_status.methods_development_category    ? 
# 
loop_
_pdbx_database_related.db_name 
_pdbx_database_related.db_id 
_pdbx_database_related.details 
_pdbx_database_related.content_type 
PDB 1QSK '1QSK contains a similar pentanucleotide DNA bulge with AAAAA in the bulge loop' unspecified 
PDB 1JRV '1JRV IS the SOLUTION STRUCTURE OF DAATAA DNA BULGE (ENSEMBLE)'                  unspecified 
PDB 1JS5 '1JS5 IS the AVERAGED SOLUTION STRUCTURE OF DAAUAA DNA BULGE'                    unspecified 
PDB 1JS7 '1JS7 IS the SOLUTION STRUCTURE (ENSEMBLE) OF DAAUAA DNA BULGE'                  unspecified 
# 
loop_
_audit_author.name 
_audit_author.pdbx_ordinal 
'Gollmick, F.A.' 1 
'Lorenz, M.'     2 
'Dornberger, U.' 3 
'von Langen, J.' 4 
'Diekmann, S.'   5 
'Fritzsche, H.'  6 
# 
_citation.id                        primary 
_citation.title                     'Solution structure of dAATAA and dAAUAA DNA bulges.' 
_citation.journal_abbrev            'Nucleic Acids Res.' 
_citation.journal_volume            30 
_citation.page_first                2669 
_citation.page_last                 2677 
_citation.year                      2002 
_citation.journal_id_ASTM           NARHAD 
_citation.country                   UK 
_citation.journal_id_ISSN           0305-1048 
_citation.journal_id_CSD            0389 
_citation.book_publisher            ? 
_citation.pdbx_database_id_PubMed   12060684 
_citation.pdbx_database_id_DOI      10.1093/nar/gkf375 
# 
loop_
_citation_author.citation_id 
_citation_author.name 
_citation_author.ordinal 
_citation_author.identifier_ORCID 
primary 'Gollmick, F.A.' 1 ? 
primary 'Lorenz, M.'     2 ? 
primary 'Dornberger, U.' 3 ? 
primary 'von Langen, J.' 4 ? 
primary 'Diekmann, S.'   5 ? 
primary 'Fritzsche, H.'  6 ? 
# 
loop_
_entity.id 
_entity.type 
_entity.src_method 
_entity.pdbx_description 
_entity.formula_weight 
_entity.pdbx_number_of_molecules 
_entity.pdbx_ec 
_entity.pdbx_mutation 
_entity.pdbx_fragment 
_entity.details 
1 polymer syn "5'-D(*GP*CP*AP*TP*CP*GP*AP*AP*TP*AP*AP*GP*CP*TP*AP*CP*G)-3'" 5220.412 1 ? ? ? ? 
2 polymer syn "5'-D(*CP*GP*TP*AP*GP*CP*CP*GP*AP*TP*GP*C)-3'"                3663.392 1 ? ? ? ? 
# 
loop_
_entity_poly.entity_id 
_entity_poly.type 
_entity_poly.nstd_linkage 
_entity_poly.nstd_monomer 
_entity_poly.pdbx_seq_one_letter_code 
_entity_poly.pdbx_seq_one_letter_code_can 
_entity_poly.pdbx_strand_id 
_entity_poly.pdbx_target_identifier 
1 polydeoxyribonucleotide no no '(DG)(DC)(DA)(DT)(DC)(DG)(DA)(DA)(DT)(DA)(DA)(DG)(DC)(DT)(DA)(DC)(DG)' GCATCGAATAAGCTACG A ? 
2 polydeoxyribonucleotide no no '(DC)(DG)(DT)(DA)(DG)(DC)(DC)(DG)(DA)(DT)(DG)(DC)'                     CGTAGCCGATGC      B ? 
# 
loop_
_entity_poly_seq.entity_id 
_entity_poly_seq.num 
_entity_poly_seq.mon_id 
_entity_poly_seq.hetero 
1 1  DG n 
1 2  DC n 
1 3  DA n 
1 4  DT n 
1 5  DC n 
1 6  DG n 
1 7  DA n 
1 8  DA n 
1 9  DT n 
1 10 DA n 
1 11 DA n 
1 12 DG n 
1 13 DC n 
1 14 DT n 
1 15 DA n 
1 16 DC n 
1 17 DG n 
2 1  DC n 
2 2  DG n 
2 3  DT n 
2 4  DA n 
2 5  DG n 
2 6  DC n 
2 7  DC n 
2 8  DG n 
2 9  DA n 
2 10 DT n 
2 11 DG n 
2 12 DC n 
# 
loop_
_chem_comp.id 
_chem_comp.type 
_chem_comp.mon_nstd_flag 
_chem_comp.name 
_chem_comp.pdbx_synonyms 
_chem_comp.formula 
_chem_comp.formula_weight 
DA 'DNA linking' y "2'-DEOXYADENOSINE-5'-MONOPHOSPHATE" ? 'C10 H14 N5 O6 P' 331.222 
DC 'DNA linking' y "2'-DEOXYCYTIDINE-5'-MONOPHOSPHATE"  ? 'C9 H14 N3 O7 P'  307.197 
DG 'DNA linking' y "2'-DEOXYGUANOSINE-5'-MONOPHOSPHATE" ? 'C10 H14 N5 O7 P' 347.221 
DT 'DNA linking' y "THYMIDINE-5'-MONOPHOSPHATE"         ? 'C10 H15 N2 O8 P' 322.208 
# 
loop_
_pdbx_poly_seq_scheme.asym_id 
_pdbx_poly_seq_scheme.entity_id 
_pdbx_poly_seq_scheme.seq_id 
_pdbx_poly_seq_scheme.mon_id 
_pdbx_poly_seq_scheme.ndb_seq_num 
_pdbx_poly_seq_scheme.pdb_seq_num 
_pdbx_poly_seq_scheme.auth_seq_num 
_pdbx_poly_seq_scheme.pdb_mon_id 
_pdbx_poly_seq_scheme.auth_mon_id 
_pdbx_poly_seq_scheme.pdb_strand_id 
_pdbx_poly_seq_scheme.pdb_ins_code 
_pdbx_poly_seq_scheme.hetero 
A 1 1  DG 1  1  1  DG GUA A . n 
A 1 2  DC 2  2  2  DC CYT A . n 
A 1 3  DA 3  3  3  DA ADE A . n 
A 1 4  DT 4  4  4  DT THY A . n 
A 1 5  DC 5  5  5  DC CYT A . n 
A 1 6  DG 6  6  6  DG GUA A . n 
A 1 7  DA 7  7  7  DA ADE A . n 
A 1 8  DA 8  8  8  DA ADE A . n 
A 1 9  DT 9  9  9  DT THY A . n 
A 1 10 DA 10 10 10 DA ADE A . n 
A 1 11 DA 11 11 11 DA ADE A . n 
A 1 12 DG 12 12 12 DG GUA A . n 
A 1 13 DC 13 13 13 DC CYT A . n 
A 1 14 DT 14 14 14 DT THY A . n 
A 1 15 DA 15 15 15 DA ADE A . n 
A 1 16 DC 16 16 16 DC CYT A . n 
A 1 17 DG 17 17 17 DG GUA A . n 
B 2 1  DC 1  18 18 DC CYT B . n 
B 2 2  DG 2  19 19 DG GUA B . n 
B 2 3  DT 3  20 20 DT THY B . n 
B 2 4  DA 4  21 21 DA ADE B . n 
B 2 5  DG 5  22 22 DG GUA B . n 
B 2 6  DC 6  23 23 DC CYT B . n 
B 2 7  DC 7  24 24 DC CYT B . n 
B 2 8  DG 8  25 25 DG GUA B . n 
B 2 9  DA 9  26 26 DA ADE B . n 
B 2 10 DT 10 27 27 DT THY B . n 
B 2 11 DG 11 28 28 DG GUA B . n 
B 2 12 DC 12 29 29 DC CYT B . n 
# 
_cell.entry_id           1JRW 
_cell.length_a           ? 
_cell.length_b           ? 
_cell.length_c           ? 
_cell.angle_alpha        ? 
_cell.angle_beta         ? 
_cell.angle_gamma        ? 
_cell.Z_PDB              1 
_cell.pdbx_unique_axis   ? 
# 
_exptl.entry_id          1JRW 
_exptl.method            'SOLUTION NMR' 
_exptl.crystals_number   ? 
# 
_exptl_crystal.id                    1 
_exptl_crystal.density_meas          ? 
_exptl_crystal.density_Matthews      ? 
_exptl_crystal.density_percent_sol   ? 
_exptl_crystal.description           ? 
# 
_diffrn.id                     1 
_diffrn.ambient_temp           ? 
_diffrn.ambient_temp_details   ? 
_diffrn.crystal_id             1 
# 
_diffrn_radiation.diffrn_id                        1 
_diffrn_radiation.wavelength_id                    1 
_diffrn_radiation.pdbx_monochromatic_or_laue_m_l   M 
_diffrn_radiation.monochromator                    ? 
_diffrn_radiation.pdbx_diffrn_protocol             'SINGLE WAVELENGTH' 
_diffrn_radiation.pdbx_scattering_type             ? 
# 
_diffrn_radiation_wavelength.id           1 
_diffrn_radiation_wavelength.wavelength   . 
_diffrn_radiation_wavelength.wt           1.0 
# 
_struct.entry_id                  1JRW 
_struct.title                     'Solution Structure of dAATAA DNA Bulge' 
_struct.pdbx_model_details        ? 
_struct.pdbx_CASP_flag            ? 
_struct.pdbx_model_type_details   'minimized average' 
# 
_struct_keywords.entry_id        1JRW 
_struct_keywords.pdbx_keywords   DNA 
_struct_keywords.text            'DNA BULGE, five-nucleotide bulge loop, deoxyribonucleic acid, DNA' 
# 
loop_
_struct_asym.id 
_struct_asym.pdbx_blank_PDB_chainid_flag 
_struct_asym.pdbx_modified 
_struct_asym.entity_id 
_struct_asym.details 
A N N 1 ? 
B N N 2 ? 
# 
loop_
_struct_ref.id 
_struct_ref.entity_id 
_struct_ref.db_name 
_struct_ref.db_code 
_struct_ref.pdbx_db_accession 
_struct_ref.pdbx_db_isoform 
_struct_ref.pdbx_seq_one_letter_code 
_struct_ref.pdbx_align_begin 
1 1 PDB 1JRW 1JRW ? ? ? 
2 2 PDB 1JRW 1JRW ? ? ? 
# 
loop_
_struct_ref_seq.align_id 
_struct_ref_seq.ref_id 
_struct_ref_seq.pdbx_PDB_id_code 
_struct_ref_seq.pdbx_strand_id 
_struct_ref_seq.seq_align_beg 
_struct_ref_seq.pdbx_seq_align_beg_ins_code 
_struct_ref_seq.seq_align_end 
_struct_ref_seq.pdbx_seq_align_end_ins_code 
_struct_ref_seq.pdbx_db_accession 
_struct_ref_seq.db_align_beg 
_struct_ref_seq.pdbx_db_align_beg_ins_code 
_struct_ref_seq.db_align_end 
_struct_ref_seq.pdbx_db_align_end_ins_code 
_struct_ref_seq.pdbx_auth_seq_align_beg 
_struct_ref_seq.pdbx_auth_seq_align_end 
1 1 1JRW A 1 ? 17 ? 1JRW 1  ? 17 ? 1  17 
2 2 1JRW B 1 ? 12 ? 1JRW 18 ? 29 ? 18 29 
# 
_pdbx_struct_assembly.id                   1 
_pdbx_struct_assembly.details              author_defined_assembly 
_pdbx_struct_assembly.method_details       ? 
_pdbx_struct_assembly.oligomeric_details   dimeric 
_pdbx_struct_assembly.oligomeric_count     2 
# 
_pdbx_struct_assembly_gen.assembly_id       1 
_pdbx_struct_assembly_gen.oper_expression   1 
_pdbx_struct_assembly_gen.asym_id_list      A,B 
# 
_pdbx_struct_oper_list.id                   1 
_pdbx_struct_oper_list.type                 'identity operation' 
_pdbx_struct_oper_list.name                 1_555 
_pdbx_struct_oper_list.symmetry_operation   x,y,z 
_pdbx_struct_oper_list.matrix[1][1]         1.0000000000 
_pdbx_struct_oper_list.matrix[1][2]         0.0000000000 
_pdbx_struct_oper_list.matrix[1][3]         0.0000000000 
_pdbx_struct_oper_list.vector[1]            0.0000000000 
_pdbx_struct_oper_list.matrix[2][1]         0.0000000000 
_pdbx_struct_oper_list.matrix[2][2]         1.0000000000 
_pdbx_struct_oper_list.matrix[2][3]         0.0000000000 
_pdbx_struct_oper_list.vector[2]            0.0000000000 
_pdbx_struct_oper_list.matrix[3][1]         0.0000000000 
_pdbx_struct_oper_list.matrix[3][2]         0.0000000000 
_pdbx_struct_oper_list.matrix[3][3]         1.0000000000 
_pdbx_struct_oper_list.vector[3]            0.0000000000 
# 
_struct_biol.id   1 
# 
loop_
_struct_conn.id 
_struct_conn.conn_type_id 
_struct_conn.pdbx_leaving_atom_flag 
_struct_conn.pdbx_PDB_id 
_struct_conn.ptnr1_label_asym_id 
_struct_conn.ptnr1_label_comp_id 
_struct_conn.ptnr1_label_seq_id 
_struct_conn.ptnr1_label_atom_id 
_struct_conn.pdbx_ptnr1_label_alt_id 
_struct_conn.pdbx_ptnr1_PDB_ins_code 
_struct_conn.pdbx_ptnr1_standard_comp_id 
_struct_conn.ptnr1_symmetry 
_struct_conn.ptnr2_label_asym_id 
_struct_conn.ptnr2_label_comp_id 
_struct_conn.ptnr2_label_seq_id 
_struct_conn.ptnr2_label_atom_id 
_struct_conn.pdbx_ptnr2_label_alt_id 
_struct_conn.pdbx_ptnr2_PDB_ins_code 
_struct_conn.ptnr1_auth_asym_id 
_struct_conn.ptnr1_auth_comp_id 
_struct_conn.ptnr1_auth_seq_id 
_struct_conn.ptnr2_auth_asym_id 
_struct_conn.ptnr2_auth_comp_id 
_struct_conn.ptnr2_auth_seq_id 
_struct_conn.ptnr2_symmetry 
_struct_conn.pdbx_ptnr3_label_atom_id 
_struct_conn.pdbx_ptnr3_label_seq_id 
_struct_conn.pdbx_ptnr3_label_comp_id 
_struct_conn.pdbx_ptnr3_label_asym_id 
_struct_conn.pdbx_ptnr3_label_alt_id 
_struct_conn.pdbx_ptnr3_PDB_ins_code 
_struct_conn.details 
_struct_conn.pdbx_dist_value 
_struct_conn.pdbx_value_order 
_struct_conn.pdbx_role 
hydrog1  hydrog ? ? A DC 2  N3 ? ? ? 1_555 B DG 11 N1 ? ? A DC 2  B DG 28 1_555 ? ? ? ? ? ? WATSON-CRICK ? ? ? 
hydrog2  hydrog ? ? A DC 2  N4 ? ? ? 1_555 B DG 11 O6 ? ? A DC 2  B DG 28 1_555 ? ? ? ? ? ? WATSON-CRICK ? ? ? 
hydrog3  hydrog ? ? A DC 2  O2 ? ? ? 1_555 B DG 11 N2 ? ? A DC 2  B DG 28 1_555 ? ? ? ? ? ? WATSON-CRICK ? ? ? 
hydrog4  hydrog ? ? A DA 3  N1 ? ? ? 1_555 B DT 10 N3 ? ? A DA 3  B DT 27 1_555 ? ? ? ? ? ? WATSON-CRICK ? ? ? 
hydrog5  hydrog ? ? A DA 3  N6 ? ? ? 1_555 B DT 10 O4 ? ? A DA 3  B DT 27 1_555 ? ? ? ? ? ? WATSON-CRICK ? ? ? 
hydrog6  hydrog ? ? A DT 4  N3 ? ? ? 1_555 B DA 9  N1 ? ? A DT 4  B DA 26 1_555 ? ? ? ? ? ? WATSON-CRICK ? ? ? 
hydrog7  hydrog ? ? A DT 4  O4 ? ? ? 1_555 B DA 9  N6 ? ? A DT 4  B DA 26 1_555 ? ? ? ? ? ? WATSON-CRICK ? ? ? 
hydrog8  hydrog ? ? A DC 5  N3 ? ? ? 1_555 B DG 8  N1 ? ? A DC 5  B DG 25 1_555 ? ? ? ? ? ? WATSON-CRICK ? ? ? 
hydrog9  hydrog ? ? A DC 5  N4 ? ? ? 1_555 B DG 8  O6 ? ? A DC 5  B DG 25 1_555 ? ? ? ? ? ? WATSON-CRICK ? ? ? 
hydrog10 hydrog ? ? A DC 5  O2 ? ? ? 1_555 B DG 8  N2 ? ? A DC 5  B DG 25 1_555 ? ? ? ? ? ? WATSON-CRICK ? ? ? 
hydrog11 hydrog ? ? A DG 6  N1 ? ? ? 1_555 B DC 7  N3 ? ? A DG 6  B DC 24 1_555 ? ? ? ? ? ? WATSON-CRICK ? ? ? 
hydrog12 hydrog ? ? A DG 6  N2 ? ? ? 1_555 B DC 7  O2 ? ? A DG 6  B DC 24 1_555 ? ? ? ? ? ? WATSON-CRICK ? ? ? 
hydrog13 hydrog ? ? A DG 6  O6 ? ? ? 1_555 B DC 7  N4 ? ? A DG 6  B DC 24 1_555 ? ? ? ? ? ? WATSON-CRICK ? ? ? 
hydrog14 hydrog ? ? A DG 12 N1 ? ? ? 1_555 B DC 6  N3 ? ? A DG 12 B DC 23 1_555 ? ? ? ? ? ? WATSON-CRICK ? ? ? 
hydrog15 hydrog ? ? A DG 12 N2 ? ? ? 1_555 B DC 6  O2 ? ? A DG 12 B DC 23 1_555 ? ? ? ? ? ? WATSON-CRICK ? ? ? 
hydrog16 hydrog ? ? A DG 12 O6 ? ? ? 1_555 B DC 6  N4 ? ? A DG 12 B DC 23 1_555 ? ? ? ? ? ? WATSON-CRICK ? ? ? 
hydrog17 hydrog ? ? A DC 13 N3 ? ? ? 1_555 B DG 5  N1 ? ? A DC 13 B DG 22 1_555 ? ? ? ? ? ? WATSON-CRICK ? ? ? 
hydrog18 hydrog ? ? A DC 13 N4 ? ? ? 1_555 B DG 5  O6 ? ? A DC 13 B DG 22 1_555 ? ? ? ? ? ? WATSON-CRICK ? ? ? 
hydrog19 hydrog ? ? A DC 13 O2 ? ? ? 1_555 B DG 5  N2 ? ? A DC 13 B DG 22 1_555 ? ? ? ? ? ? WATSON-CRICK ? ? ? 
hydrog20 hydrog ? ? A DT 14 N3 ? ? ? 1_555 B DA 4  N1 ? ? A DT 14 B DA 21 1_555 ? ? ? ? ? ? WATSON-CRICK ? ? ? 
hydrog21 hydrog ? ? A DT 14 O4 ? ? ? 1_555 B DA 4  N6 ? ? A DT 14 B DA 21 1_555 ? ? ? ? ? ? WATSON-CRICK ? ? ? 
hydrog22 hydrog ? ? A DA 15 N1 ? ? ? 1_555 B DT 3  N3 ? ? A DA 15 B DT 20 1_555 ? ? ? ? ? ? WATSON-CRICK ? ? ? 
hydrog23 hydrog ? ? A DA 15 N6 ? ? ? 1_555 B DT 3  O4 ? ? A DA 15 B DT 20 1_555 ? ? ? ? ? ? WATSON-CRICK ? ? ? 
hydrog24 hydrog ? ? A DC 16 N3 ? ? ? 1_555 B DG 2  N1 ? ? A DC 16 B DG 19 1_555 ? ? ? ? ? ? WATSON-CRICK ? ? ? 
hydrog25 hydrog ? ? A DC 16 N4 ? ? ? 1_555 B DG 2  O6 ? ? A DC 16 B DG 19 1_555 ? ? ? ? ? ? WATSON-CRICK ? ? ? 
hydrog26 hydrog ? ? A DC 16 O2 ? ? ? 1_555 B DG 2  N2 ? ? A DC 16 B DG 19 1_555 ? ? ? ? ? ? WATSON-CRICK ? ? ? 
hydrog27 hydrog ? ? A DG 17 N1 ? ? ? 1_555 B DC 1  N3 ? ? A DG 17 B DC 18 1_555 ? ? ? ? ? ? WATSON-CRICK ? ? ? 
hydrog28 hydrog ? ? A DG 17 N2 ? ? ? 1_555 B DC 1  O2 ? ? A DG 17 B DC 18 1_555 ? ? ? ? ? ? WATSON-CRICK ? ? ? 
hydrog29 hydrog ? ? A DG 17 O6 ? ? ? 1_555 B DC 1  N4 ? ? A DG 17 B DC 18 1_555 ? ? ? ? ? ? WATSON-CRICK ? ? ? 
# 
_struct_conn_type.id          hydrog 
_struct_conn_type.criteria    ? 
_struct_conn_type.reference   ? 
# 
loop_
_pdbx_validate_rmsd_angle.id 
_pdbx_validate_rmsd_angle.PDB_model_num 
_pdbx_validate_rmsd_angle.auth_atom_id_1 
_pdbx_validate_rmsd_angle.auth_asym_id_1 
_pdbx_validate_rmsd_angle.auth_comp_id_1 
_pdbx_validate_rmsd_angle.auth_seq_id_1 
_pdbx_validate_rmsd_angle.PDB_ins_code_1 
_pdbx_validate_rmsd_angle.label_alt_id_1 
_pdbx_validate_rmsd_angle.auth_atom_id_2 
_pdbx_validate_rmsd_angle.auth_asym_id_2 
_pdbx_validate_rmsd_angle.auth_comp_id_2 
_pdbx_validate_rmsd_angle.auth_seq_id_2 
_pdbx_validate_rmsd_angle.PDB_ins_code_2 
_pdbx_validate_rmsd_angle.label_alt_id_2 
_pdbx_validate_rmsd_angle.auth_atom_id_3 
_pdbx_validate_rmsd_angle.auth_asym_id_3 
_pdbx_validate_rmsd_angle.auth_comp_id_3 
_pdbx_validate_rmsd_angle.auth_seq_id_3 
_pdbx_validate_rmsd_angle.PDB_ins_code_3 
_pdbx_validate_rmsd_angle.label_alt_id_3 
_pdbx_validate_rmsd_angle.angle_value 
_pdbx_validate_rmsd_angle.angle_target_value 
_pdbx_validate_rmsd_angle.angle_deviation 
_pdbx_validate_rmsd_angle.angle_standard_deviation 
_pdbx_validate_rmsd_angle.linker_flag 
1  1 "O4'" A DG 1  ? ? "C1'" A DG 1  ? ? N9    A DG 1  ? ? 110.45 108.30 2.15  0.30 N 
2  1 "O4'" A DA 3  ? ? "C4'" A DA 3  ? ? "C3'" A DA 3  ? ? 111.75 106.00 5.75  0.60 N 
3  1 "O4'" A DT 4  ? ? "C1'" A DT 4  ? ? N1    A DT 4  ? ? 110.55 108.30 2.25  0.30 N 
4  1 C6    A DT 4  ? ? C5    A DT 4  ? ? C7    A DT 4  ? ? 118.01 122.90 -4.89 0.60 N 
5  1 "O4'" A DC 5  ? ? "C1'" A DC 5  ? ? N1    A DC 5  ? ? 110.88 108.30 2.58  0.30 N 
6  1 "O4'" A DA 7  ? ? "C1'" A DA 7  ? ? N9    A DA 7  ? ? 112.93 108.30 4.63  0.30 N 
7  1 "O4'" A DA 10 ? ? "C1'" A DA 10 ? ? N9    A DA 10 ? ? 114.67 108.30 6.37  0.30 N 
8  1 "O4'" A DA 11 ? ? "C1'" A DA 11 ? ? N9    A DA 11 ? ? 113.50 108.30 5.20  0.30 N 
9  1 "O4'" A DC 13 ? ? "C4'" A DC 13 ? ? "C3'" A DC 13 ? ? 110.78 106.00 4.78  0.60 N 
10 1 "O4'" B DT 20 ? ? "C1'" B DT 20 ? ? N1    B DT 20 ? ? 111.08 108.30 2.78  0.30 N 
11 1 "O4'" B DA 26 ? ? "C4'" B DA 26 ? ? "C3'" B DA 26 ? ? 109.81 106.00 3.81  0.60 N 
# 
loop_
_pdbx_validate_planes.id 
_pdbx_validate_planes.PDB_model_num 
_pdbx_validate_planes.auth_comp_id 
_pdbx_validate_planes.auth_asym_id 
_pdbx_validate_planes.auth_seq_id 
_pdbx_validate_planes.PDB_ins_code 
_pdbx_validate_planes.label_alt_id 
_pdbx_validate_planes.rmsd 
_pdbx_validate_planes.type 
1 1 DA A 3  ? ? 0.059 'SIDE CHAIN' 
2 1 DC B 18 ? ? 0.086 'SIDE CHAIN' 
3 1 DG B 19 ? ? 0.086 'SIDE CHAIN' 
4 1 DG B 25 ? ? 0.063 'SIDE CHAIN' 
5 1 DT B 27 ? ? 0.061 'SIDE CHAIN' 
# 
_pdbx_nmr_ensemble.entry_id                                      1JRW 
_pdbx_nmr_ensemble.conformers_calculated_total_number            ? 
_pdbx_nmr_ensemble.conformers_submitted_total_number             1 
_pdbx_nmr_ensemble.conformer_selection_criteria                  ? 
_pdbx_nmr_ensemble.average_constraints_per_residue               ? 
_pdbx_nmr_ensemble.average_constraint_violations_per_residue     ? 
_pdbx_nmr_ensemble.maximum_distance_constraint_violation         ? 
_pdbx_nmr_ensemble.average_distance_constraint_violation         ? 
_pdbx_nmr_ensemble.maximum_upper_distance_constraint_violation   ? 
_pdbx_nmr_ensemble.maximum_lower_distance_constraint_violation   ? 
_pdbx_nmr_ensemble.distance_constraint_violation_method          ? 
_pdbx_nmr_ensemble.maximum_torsion_angle_constraint_violation    ? 
_pdbx_nmr_ensemble.average_torsion_angle_constraint_violation    ? 
_pdbx_nmr_ensemble.torsion_angle_constraint_violation_method     ? 
# 
_pdbx_nmr_representative.entry_id             1JRW 
_pdbx_nmr_representative.conformer_id         1 
_pdbx_nmr_representative.selection_criteria   'minimized average structure' 
# 
loop_
_pdbx_nmr_sample_details.solution_id 
_pdbx_nmr_sample_details.contents 
_pdbx_nmr_sample_details.solvent_system 
1 '1.6mm in duplex; 10mm phosphate buffer; 100mm NaCl; 0.05mm EDTA; 100% D2O' '100% D2O' 
2 '1.6mm in duplex; 100mm NaCl; 0.05mm EDTA; 100% D2O'                        '100% D2O' 
# 
_pdbx_nmr_exptl_sample_conditions.conditions_id       1 
_pdbx_nmr_exptl_sample_conditions.temperature         300 
_pdbx_nmr_exptl_sample_conditions.pressure            ambient 
_pdbx_nmr_exptl_sample_conditions.pH                  7 
_pdbx_nmr_exptl_sample_conditions.ionic_strength      '100mm Na+' 
_pdbx_nmr_exptl_sample_conditions.pressure_units      ? 
_pdbx_nmr_exptl_sample_conditions.temperature_units   K 
# 
loop_
_pdbx_nmr_exptl.experiment_id 
_pdbx_nmr_exptl.solution_id 
_pdbx_nmr_exptl.conditions_id 
_pdbx_nmr_exptl.type 
1 1 1 2D_NOESY          
2 1 1 E-COSY            
3 2 1 31P-1H_correlated 
# 
_pdbx_nmr_details.entry_id   1JRW 
_pdbx_nmr_details.text       
;THE FINAL AVERAGE STRUCTURE WAS OBTAINED BY COORDINATE AVERAGING OF THE FINAL ENSEMBLE OF STRUCTURES, FOLLOWED BY RESTRAINED ENERGY MINIMIZATION.
This structure was determined using standard 2D homonuclear and heteronuclear techniques.
;
# 
_pdbx_nmr_refine.entry_id           1JRW 
_pdbx_nmr_refine.method             'matrix relaxation; torsion angle dynamics; energy minimization' 
_pdbx_nmr_refine.details            
;the structures are based on a total of 906 restraints, 645 are NOE-derived 
distance constraints, 235 dihedral angle restraints, 26 distance restraints  
from hydrogen bonds.
;
_pdbx_nmr_refine.software_ordinal   1 
# 
loop_
_pdbx_nmr_software.name 
_pdbx_nmr_software.version 
_pdbx_nmr_software.classification 
_pdbx_nmr_software.authors 
_pdbx_nmr_software.ordinal 
NMRPipe   3   processing                    'Delaglio, F., et al.'                                  1 
MARDIGRAS 3.2 'iterative matrix relaxation' 'Borgias, B.A., James, T.L.'                            2 
DYANA     1.5 'structure solution'          'Guentert, P., Mumenthaler, C., Wuetrich, K.'           3 
Amber     5.0 refinement                    'WEINER, S.J., KOLLMAN, P.A., NGUYEN, D.T., CASE, D.A.' 4 
Amber     5.0 'data analysis'               'WEINER, S.J., KOLLMAN, P.A., NGUYEN, D.T., CASE, D.A.' 5 
# 
loop_
_chem_comp_atom.comp_id 
_chem_comp_atom.atom_id 
_chem_comp_atom.type_symbol 
_chem_comp_atom.pdbx_aromatic_flag 
_chem_comp_atom.pdbx_stereo_config 
_chem_comp_atom.pdbx_ordinal 
DA OP3    O N N 1   
DA P      P N N 2   
DA OP1    O N N 3   
DA OP2    O N N 4   
DA "O5'"  O N N 5   
DA "C5'"  C N N 6   
DA "C4'"  C N R 7   
DA "O4'"  O N N 8   
DA "C3'"  C N S 9   
DA "O3'"  O N N 10  
DA "C2'"  C N N 11  
DA "C1'"  C N R 12  
DA N9     N Y N 13  
DA C8     C Y N 14  
DA N7     N Y N 15  
DA C5     C Y N 16  
DA C6     C Y N 17  
DA N6     N N N 18  
DA N1     N Y N 19  
DA C2     C Y N 20  
DA N3     N Y N 21  
DA C4     C Y N 22  
DA HOP3   H N N 23  
DA HOP2   H N N 24  
DA "H5'"  H N N 25  
DA "H5''" H N N 26  
DA "H4'"  H N N 27  
DA "H3'"  H N N 28  
DA "HO3'" H N N 29  
DA "H2'"  H N N 30  
DA "H2''" H N N 31  
DA "H1'"  H N N 32  
DA H8     H N N 33  
DA H61    H N N 34  
DA H62    H N N 35  
DA H2     H N N 36  
DC OP3    O N N 37  
DC P      P N N 38  
DC OP1    O N N 39  
DC OP2    O N N 40  
DC "O5'"  O N N 41  
DC "C5'"  C N N 42  
DC "C4'"  C N R 43  
DC "O4'"  O N N 44  
DC "C3'"  C N S 45  
DC "O3'"  O N N 46  
DC "C2'"  C N N 47  
DC "C1'"  C N R 48  
DC N1     N N N 49  
DC C2     C N N 50  
DC O2     O N N 51  
DC N3     N N N 52  
DC C4     C N N 53  
DC N4     N N N 54  
DC C5     C N N 55  
DC C6     C N N 56  
DC HOP3   H N N 57  
DC HOP2   H N N 58  
DC "H5'"  H N N 59  
DC "H5''" H N N 60  
DC "H4'"  H N N 61  
DC "H3'"  H N N 62  
DC "HO3'" H N N 63  
DC "H2'"  H N N 64  
DC "H2''" H N N 65  
DC "H1'"  H N N 66  
DC H41    H N N 67  
DC H42    H N N 68  
DC H5     H N N 69  
DC H6     H N N 70  
DG OP3    O N N 71  
DG P      P N N 72  
DG OP1    O N N 73  
DG OP2    O N N 74  
DG "O5'"  O N N 75  
DG "C5'"  C N N 76  
DG "C4'"  C N R 77  
DG "O4'"  O N N 78  
DG "C3'"  C N S 79  
DG "O3'"  O N N 80  
DG "C2'"  C N N 81  
DG "C1'"  C N R 82  
DG N9     N Y N 83  
DG C8     C Y N 84  
DG N7     N Y N 85  
DG C5     C Y N 86  
DG C6     C N N 87  
DG O6     O N N 88  
DG N1     N N N 89  
DG C2     C N N 90  
DG N2     N N N 91  
DG N3     N N N 92  
DG C4     C Y N 93  
DG HOP3   H N N 94  
DG HOP2   H N N 95  
DG "H5'"  H N N 96  
DG "H5''" H N N 97  
DG "H4'"  H N N 98  
DG "H3'"  H N N 99  
DG "HO3'" H N N 100 
DG "H2'"  H N N 101 
DG "H2''" H N N 102 
DG "H1'"  H N N 103 
DG H8     H N N 104 
DG H1     H N N 105 
DG H21    H N N 106 
DG H22    H N N 107 
DT OP3    O N N 108 
DT P      P N N 109 
DT OP1    O N N 110 
DT OP2    O N N 111 
DT "O5'"  O N N 112 
DT "C5'"  C N N 113 
DT "C4'"  C N R 114 
DT "O4'"  O N N 115 
DT "C3'"  C N S 116 
DT "O3'"  O N N 117 
DT "C2'"  C N N 118 
DT "C1'"  C N R 119 
DT N1     N N N 120 
DT C2     C N N 121 
DT O2     O N N 122 
DT N3     N N N 123 
DT C4     C N N 124 
DT O4     O N N 125 
DT C5     C N N 126 
DT C7     C N N 127 
DT C6     C N N 128 
DT HOP3   H N N 129 
DT HOP2   H N N 130 
DT "H5'"  H N N 131 
DT "H5''" H N N 132 
DT "H4'"  H N N 133 
DT "H3'"  H N N 134 
DT "HO3'" H N N 135 
DT "H2'"  H N N 136 
DT "H2''" H N N 137 
DT "H1'"  H N N 138 
DT H3     H N N 139 
DT H71    H N N 140 
DT H72    H N N 141 
DT H73    H N N 142 
DT H6     H N N 143 
# 
loop_
_chem_comp_bond.comp_id 
_chem_comp_bond.atom_id_1 
_chem_comp_bond.atom_id_2 
_chem_comp_bond.value_order 
_chem_comp_bond.pdbx_aromatic_flag 
_chem_comp_bond.pdbx_stereo_config 
_chem_comp_bond.pdbx_ordinal 
DA OP3   P      sing N N 1   
DA OP3   HOP3   sing N N 2   
DA P     OP1    doub N N 3   
DA P     OP2    sing N N 4   
DA P     "O5'"  sing N N 5   
DA OP2   HOP2   sing N N 6   
DA "O5'" "C5'"  sing N N 7   
DA "C5'" "C4'"  sing N N 8   
DA "C5'" "H5'"  sing N N 9   
DA "C5'" "H5''" sing N N 10  
DA "C4'" "O4'"  sing N N 11  
DA "C4'" "C3'"  sing N N 12  
DA "C4'" "H4'"  sing N N 13  
DA "O4'" "C1'"  sing N N 14  
DA "C3'" "O3'"  sing N N 15  
DA "C3'" "C2'"  sing N N 16  
DA "C3'" "H3'"  sing N N 17  
DA "O3'" "HO3'" sing N N 18  
DA "C2'" "C1'"  sing N N 19  
DA "C2'" "H2'"  sing N N 20  
DA "C2'" "H2''" sing N N 21  
DA "C1'" N9     sing N N 22  
DA "C1'" "H1'"  sing N N 23  
DA N9    C8     sing Y N 24  
DA N9    C4     sing Y N 25  
DA C8    N7     doub Y N 26  
DA C8    H8     sing N N 27  
DA N7    C5     sing Y N 28  
DA C5    C6     sing Y N 29  
DA C5    C4     doub Y N 30  
DA C6    N6     sing N N 31  
DA C6    N1     doub Y N 32  
DA N6    H61    sing N N 33  
DA N6    H62    sing N N 34  
DA N1    C2     sing Y N 35  
DA C2    N3     doub Y N 36  
DA C2    H2     sing N N 37  
DA N3    C4     sing Y N 38  
DC OP3   P      sing N N 39  
DC OP3   HOP3   sing N N 40  
DC P     OP1    doub N N 41  
DC P     OP2    sing N N 42  
DC P     "O5'"  sing N N 43  
DC OP2   HOP2   sing N N 44  
DC "O5'" "C5'"  sing N N 45  
DC "C5'" "C4'"  sing N N 46  
DC "C5'" "H5'"  sing N N 47  
DC "C5'" "H5''" sing N N 48  
DC "C4'" "O4'"  sing N N 49  
DC "C4'" "C3'"  sing N N 50  
DC "C4'" "H4'"  sing N N 51  
DC "O4'" "C1'"  sing N N 52  
DC "C3'" "O3'"  sing N N 53  
DC "C3'" "C2'"  sing N N 54  
DC "C3'" "H3'"  sing N N 55  
DC "O3'" "HO3'" sing N N 56  
DC "C2'" "C1'"  sing N N 57  
DC "C2'" "H2'"  sing N N 58  
DC "C2'" "H2''" sing N N 59  
DC "C1'" N1     sing N N 60  
DC "C1'" "H1'"  sing N N 61  
DC N1    C2     sing N N 62  
DC N1    C6     sing N N 63  
DC C2    O2     doub N N 64  
DC C2    N3     sing N N 65  
DC N3    C4     doub N N 66  
DC C4    N4     sing N N 67  
DC C4    C5     sing N N 68  
DC N4    H41    sing N N 69  
DC N4    H42    sing N N 70  
DC C5    C6     doub N N 71  
DC C5    H5     sing N N 72  
DC C6    H6     sing N N 73  
DG OP3   P      sing N N 74  
DG OP3   HOP3   sing N N 75  
DG P     OP1    doub N N 76  
DG P     OP2    sing N N 77  
DG P     "O5'"  sing N N 78  
DG OP2   HOP2   sing N N 79  
DG "O5'" "C5'"  sing N N 80  
DG "C5'" "C4'"  sing N N 81  
DG "C5'" "H5'"  sing N N 82  
DG "C5'" "H5''" sing N N 83  
DG "C4'" "O4'"  sing N N 84  
DG "C4'" "C3'"  sing N N 85  
DG "C4'" "H4'"  sing N N 86  
DG "O4'" "C1'"  sing N N 87  
DG "C3'" "O3'"  sing N N 88  
DG "C3'" "C2'"  sing N N 89  
DG "C3'" "H3'"  sing N N 90  
DG "O3'" "HO3'" sing N N 91  
DG "C2'" "C1'"  sing N N 92  
DG "C2'" "H2'"  sing N N 93  
DG "C2'" "H2''" sing N N 94  
DG "C1'" N9     sing N N 95  
DG "C1'" "H1'"  sing N N 96  
DG N9    C8     sing Y N 97  
DG N9    C4     sing Y N 98  
DG C8    N7     doub Y N 99  
DG C8    H8     sing N N 100 
DG N7    C5     sing Y N 101 
DG C5    C6     sing N N 102 
DG C5    C4     doub Y N 103 
DG C6    O6     doub N N 104 
DG C6    N1     sing N N 105 
DG N1    C2     sing N N 106 
DG N1    H1     sing N N 107 
DG C2    N2     sing N N 108 
DG C2    N3     doub N N 109 
DG N2    H21    sing N N 110 
DG N2    H22    sing N N 111 
DG N3    C4     sing N N 112 
DT OP3   P      sing N N 113 
DT OP3   HOP3   sing N N 114 
DT P     OP1    doub N N 115 
DT P     OP2    sing N N 116 
DT P     "O5'"  sing N N 117 
DT OP2   HOP2   sing N N 118 
DT "O5'" "C5'"  sing N N 119 
DT "C5'" "C4'"  sing N N 120 
DT "C5'" "H5'"  sing N N 121 
DT "C5'" "H5''" sing N N 122 
DT "C4'" "O4'"  sing N N 123 
DT "C4'" "C3'"  sing N N 124 
DT "C4'" "H4'"  sing N N 125 
DT "O4'" "C1'"  sing N N 126 
DT "C3'" "O3'"  sing N N 127 
DT "C3'" "C2'"  sing N N 128 
DT "C3'" "H3'"  sing N N 129 
DT "O3'" "HO3'" sing N N 130 
DT "C2'" "C1'"  sing N N 131 
DT "C2'" "H2'"  sing N N 132 
DT "C2'" "H2''" sing N N 133 
DT "C1'" N1     sing N N 134 
DT "C1'" "H1'"  sing N N 135 
DT N1    C2     sing N N 136 
DT N1    C6     sing N N 137 
DT C2    O2     doub N N 138 
DT C2    N3     sing N N 139 
DT N3    C4     sing N N 140 
DT N3    H3     sing N N 141 
DT C4    O4     doub N N 142 
DT C4    C5     sing N N 143 
DT C5    C7     sing N N 144 
DT C5    C6     doub N N 145 
DT C7    H71    sing N N 146 
DT C7    H72    sing N N 147 
DT C7    H73    sing N N 148 
DT C6    H6     sing N N 149 
# 
loop_
_ndb_struct_conf_na.entry_id 
_ndb_struct_conf_na.feature 
1JRW 'double helix'        
1JRW 'b-form double helix' 
1JRW 'bulge loop'          
# 
loop_
_ndb_struct_na_base_pair.model_number 
_ndb_struct_na_base_pair.i_label_asym_id 
_ndb_struct_na_base_pair.i_label_comp_id 
_ndb_struct_na_base_pair.i_label_seq_id 
_ndb_struct_na_base_pair.i_symmetry 
_ndb_struct_na_base_pair.j_label_asym_id 
_ndb_struct_na_base_pair.j_label_comp_id 
_ndb_struct_na_base_pair.j_label_seq_id 
_ndb_struct_na_base_pair.j_symmetry 
_ndb_struct_na_base_pair.shear 
_ndb_struct_na_base_pair.stretch 
_ndb_struct_na_base_pair.stagger 
_ndb_struct_na_base_pair.buckle 
_ndb_struct_na_base_pair.propeller 
_ndb_struct_na_base_pair.opening 
_ndb_struct_na_base_pair.pair_number 
_ndb_struct_na_base_pair.pair_name 
_ndb_struct_na_base_pair.i_auth_asym_id 
_ndb_struct_na_base_pair.i_auth_seq_id 
_ndb_struct_na_base_pair.i_PDB_ins_code 
_ndb_struct_na_base_pair.j_auth_asym_id 
_ndb_struct_na_base_pair.j_auth_seq_id 
_ndb_struct_na_base_pair.j_PDB_ins_code 
_ndb_struct_na_base_pair.hbond_type_28 
_ndb_struct_na_base_pair.hbond_type_12 
1 A DC 2  1_555 B DG 11 1_555 -0.223 -0.046 -0.077 -0.074  8.348   -3.576  1  A_DC2:DG28_B  A 2  ? B 28 ? 19 1 
1 A DA 3  1_555 B DT 10 1_555 -0.429 -0.107 0.129  0.624   -11.465 5.187   2  A_DA3:DT27_B  A 3  ? B 27 ? 20 1 
1 A DT 4  1_555 B DA 9  1_555 -0.033 -0.146 0.656  -12.544 -14.075 -1.988  3  A_DT4:DA26_B  A 4  ? B 26 ? 20 1 
1 A DC 5  1_555 B DG 8  1_555 -0.209 0.052  0.265  -13.881 -12.635 -1.484  4  A_DC5:DG25_B  A 5  ? B 25 ? 19 1 
1 A DG 6  1_555 B DC 7  1_555 0.253  -0.100 0.645  -8.485  5.445   -2.101  5  A_DG6:DC24_B  A 6  ? B 24 ? 19 1 
1 A DG 12 1_555 B DC 6  1_555 -0.166 -0.030 0.286  11.670  13.913  -1.809  6  A_DG12:DC23_B A 12 ? B 23 ? 19 1 
1 A DC 13 1_555 B DG 5  1_555 -0.387 -0.123 0.955  -6.933  -3.841  -2.388  7  A_DC13:DG22_B A 13 ? B 22 ? 19 1 
1 A DT 14 1_555 B DA 4  1_555 0.234  -0.140 0.536  5.182   -3.342  -8.217  8  A_DT14:DA21_B A 14 ? B 21 ? 20 1 
1 A DA 15 1_555 B DT 3  1_555 -0.471 -0.198 0.667  9.329   -7.136  0.492   9  A_DA15:DT20_B A 15 ? B 20 ? 20 1 
1 A DC 16 1_555 B DG 2  1_555 0.091  -0.064 0.454  -0.184  -1.287  -0.530  10 A_DC16:DG19_B A 16 ? B 19 ? 19 1 
1 A DG 17 1_555 B DC 1  1_555 1.278  -0.566 -1.630 13.891  7.118   -12.919 11 A_DG17:DC18_B A 17 ? B 18 ? 19 1 
# 
loop_
_ndb_struct_na_base_pair_step.model_number 
_ndb_struct_na_base_pair_step.i_label_asym_id_1 
_ndb_struct_na_base_pair_step.i_label_comp_id_1 
_ndb_struct_na_base_pair_step.i_label_seq_id_1 
_ndb_struct_na_base_pair_step.i_symmetry_1 
_ndb_struct_na_base_pair_step.j_label_asym_id_1 
_ndb_struct_na_base_pair_step.j_label_comp_id_1 
_ndb_struct_na_base_pair_step.j_label_seq_id_1 
_ndb_struct_na_base_pair_step.j_symmetry_1 
_ndb_struct_na_base_pair_step.i_label_asym_id_2 
_ndb_struct_na_base_pair_step.i_label_comp_id_2 
_ndb_struct_na_base_pair_step.i_label_seq_id_2 
_ndb_struct_na_base_pair_step.i_symmetry_2 
_ndb_struct_na_base_pair_step.j_label_asym_id_2 
_ndb_struct_na_base_pair_step.j_label_comp_id_2 
_ndb_struct_na_base_pair_step.j_label_seq_id_2 
_ndb_struct_na_base_pair_step.j_symmetry_2 
_ndb_struct_na_base_pair_step.shift 
_ndb_struct_na_base_pair_step.slide 
_ndb_struct_na_base_pair_step.rise 
_ndb_struct_na_base_pair_step.tilt 
_ndb_struct_na_base_pair_step.roll 
_ndb_struct_na_base_pair_step.twist 
_ndb_struct_na_base_pair_step.x_displacement 
_ndb_struct_na_base_pair_step.y_displacement 
_ndb_struct_na_base_pair_step.helical_rise 
_ndb_struct_na_base_pair_step.inclination 
_ndb_struct_na_base_pair_step.tip 
_ndb_struct_na_base_pair_step.helical_twist 
_ndb_struct_na_base_pair_step.step_number 
_ndb_struct_na_base_pair_step.step_name 
_ndb_struct_na_base_pair_step.i_auth_asym_id_1 
_ndb_struct_na_base_pair_step.i_auth_seq_id_1 
_ndb_struct_na_base_pair_step.i_PDB_ins_code_1 
_ndb_struct_na_base_pair_step.j_auth_asym_id_1 
_ndb_struct_na_base_pair_step.j_auth_seq_id_1 
_ndb_struct_na_base_pair_step.j_PDB_ins_code_1 
_ndb_struct_na_base_pair_step.i_auth_asym_id_2 
_ndb_struct_na_base_pair_step.i_auth_seq_id_2 
_ndb_struct_na_base_pair_step.i_PDB_ins_code_2 
_ndb_struct_na_base_pair_step.j_auth_asym_id_2 
_ndb_struct_na_base_pair_step.j_auth_seq_id_2 
_ndb_struct_na_base_pair_step.j_PDB_ins_code_2 
1 A DC 2  1_555 B DG 11 1_555 A DA 3  1_555 B DT 10 1_555 -0.213 0.195  3.208 -4.197 12.121 36.267 -1.211 -0.199 3.118 18.764 
6.498   38.396 1 AA_DC2DA3:DT27DG28_BB   A 2  ? B 28 ? A 3  ? B 27 ? 
1 A DA 3  1_555 B DT 10 1_555 A DT 4  1_555 B DA 9  1_555 -0.588 -0.677 3.507 -4.733 0.687  31.129 -1.386 0.126  3.540 1.271  
8.755   31.485 2 AA_DA3DT4:DA26DT27_BB   A 3  ? B 27 ? A 4  ? B 26 ? 
1 A DT 4  1_555 B DA 9  1_555 A DC 5  1_555 B DG 8  1_555 0.411  0.028  3.106 5.844  6.509  35.087 -0.838 0.132  3.089 10.595 
-9.512  36.127 3 AA_DT4DC5:DG25DA26_BB   A 4  ? B 26 ? A 5  ? B 25 ? 
1 A DC 5  1_555 B DG 8  1_555 A DG 6  1_555 B DC 7  1_555 -0.216 0.483  3.413 -4.095 13.750 31.459 -1.494 -0.322 3.332 23.867 
7.108   34.501 4 AA_DC5DG6:DC24DG25_BB   A 5  ? B 25 ? A 6  ? B 24 ? 
1 A DG 12 1_555 B DC 6  1_555 A DC 13 1_555 B DG 5  1_555 -0.250 -0.866 3.786 -5.159 1.743  37.659 -1.585 -0.374 3.744 2.683  
7.941   38.037 5 AA_DG12DC13:DG22DC23_BB A 12 ? B 23 ? A 13 ? B 22 ? 
1 A DC 13 1_555 B DG 5  1_555 A DT 14 1_555 B DA 4  1_555 -0.412 -0.459 2.910 3.788  1.159  30.385 -1.069 1.437  2.820 2.200  
-7.189  30.636 6 AA_DC13DT14:DA21DG22_BB A 13 ? B 22 ? A 14 ? B 21 ? 
1 A DT 14 1_555 B DA 4  1_555 A DA 15 1_555 B DT 3  1_555 0.115  -0.117 3.189 -0.933 18.468 33.771 -2.424 -0.288 2.761 29.231 
1.477   38.373 7 AA_DT14DA15:DT20DA21_BB A 14 ? B 21 ? A 15 ? B 20 ? 
1 A DA 15 1_555 B DT 3  1_555 A DC 16 1_555 B DG 2  1_555 0.078  -0.543 3.477 -0.495 0.968  33.079 -1.127 -0.225 3.459 1.699  
0.869   33.097 8 AA_DA15DC16:DG19DT20_BB A 15 ? B 20 ? A 16 ? B 19 ? 
1 A DC 16 1_555 B DG 2  1_555 A DG 17 1_555 B DC 1  1_555 -0.053 0.229  3.555 10.813 0.524  37.045 0.276  1.536  3.410 0.805  
-16.589 38.541 9 AA_DC16DG17:DC18DG19_BB A 16 ? B 19 ? A 17 ? B 18 ? 
# 
loop_
_pdbx_nmr_spectrometer.spectrometer_id 
_pdbx_nmr_spectrometer.type 
_pdbx_nmr_spectrometer.manufacturer 
_pdbx_nmr_spectrometer.model 
_pdbx_nmr_spectrometer.field_strength 
1 ? Varian INOVA 500 
2 ? Varian INOVA 600 
3 ? Varian INOVA 750 
# 
_atom_sites.entry_id                    1JRW 
_atom_sites.fract_transf_matrix[1][1]   1.000000 
_atom_sites.fract_transf_matrix[1][2]   0.000000 
_atom_sites.fract_transf_matrix[1][3]   0.000000 
_atom_sites.fract_transf_matrix[2][1]   0.000000 
_atom_sites.fract_transf_matrix[2][2]   1.000000 
_atom_sites.fract_transf_matrix[2][3]   0.000000 
_atom_sites.fract_transf_matrix[3][1]   0.000000 
_atom_sites.fract_transf_matrix[3][2]   0.000000 
_atom_sites.fract_transf_matrix[3][3]   1.000000 
_atom_sites.fract_transf_vector[1]      0.00000 
_atom_sites.fract_transf_vector[2]      0.00000 
_atom_sites.fract_transf_vector[3]      0.00000 
# 
loop_
_atom_type.symbol 
C 
H 
N 
O 
P 
# 
loop_
_atom_site.group_PDB 
_atom_site.id 
_atom_site.type_symbol 
_atom_site.label_atom_id 
_atom_site.label_alt_id 
_atom_site.label_comp_id 
_atom_site.label_asym_id 
_atom_site.label_entity_id 
_atom_site.label_seq_id 
_atom_site.pdbx_PDB_ins_code 
_atom_site.Cartn_x 
_atom_site.Cartn_y 
_atom_site.Cartn_z 
_atom_site.occupancy 
_atom_site.B_iso_or_equiv 
_atom_site.pdbx_formal_charge 
_atom_site.auth_seq_id 
_atom_site.auth_comp_id 
_atom_site.auth_asym_id 
_atom_site.auth_atom_id 
_atom_site.pdbx_PDB_model_num 
ATOM 1   O "O5'"  . DG A 1 1  ? 2.403   -4.994  -19.003 1.00 1.00 ? 1  DG A "O5'"  1 
ATOM 2   C "C5'"  . DG A 1 1  ? 2.341   -4.883  -17.597 1.00 1.00 ? 1  DG A "C5'"  1 
ATOM 3   C "C4'"  . DG A 1 1  ? 2.016   -3.434  -17.202 1.00 1.00 ? 1  DG A "C4'"  1 
ATOM 4   O "O4'"  . DG A 1 1  ? 0.609   -3.254  -17.258 1.00 1.00 ? 1  DG A "O4'"  1 
ATOM 5   C "C3'"  . DG A 1 1  ? 2.404   -3.108  -15.760 1.00 1.00 ? 1  DG A "C3'"  1 
ATOM 6   O "O3'"  . DG A 1 1  ? 2.423   -1.691  -15.629 1.00 1.00 ? 1  DG A "O3'"  1 
ATOM 7   C "C2'"  . DG A 1 1  ? 1.235   -3.756  -15.033 1.00 1.00 ? 1  DG A "C2'"  1 
ATOM 8   C "C1'"  . DG A 1 1  ? 0.064   -3.431  -15.956 1.00 1.00 ? 1  DG A "C1'"  1 
ATOM 9   N N9     . DG A 1 1  ? -0.994  -4.477  -15.974 1.00 1.00 ? 1  DG A N9     1 
ATOM 10  C C8     . DG A 1 1  ? -0.864  -5.845  -15.924 1.00 1.00 ? 1  DG A C8     1 
ATOM 11  N N7     . DG A 1 1  ? -1.993  -6.496  -15.940 1.00 1.00 ? 1  DG A N7     1 
ATOM 12  C C5     . DG A 1 1  ? -2.955  -5.494  -16.006 1.00 1.00 ? 1  DG A C5     1 
ATOM 13  C C6     . DG A 1 1  ? -4.381  -5.584  -16.069 1.00 1.00 ? 1  DG A C6     1 
ATOM 14  O O6     . DG A 1 1  ? -5.078  -6.591  -16.127 1.00 1.00 ? 1  DG A O6     1 
ATOM 15  N N1     . DG A 1 1  ? -4.999  -4.336  -16.071 1.00 1.00 ? 1  DG A N1     1 
ATOM 16  C C2     . DG A 1 1  ? -4.318  -3.134  -16.083 1.00 1.00 ? 1  DG A C2     1 
ATOM 17  N N2     . DG A 1 1  ? -5.048  -2.013  -16.043 1.00 1.00 ? 1  DG A N2     1 
ATOM 18  N N3     . DG A 1 1  ? -2.979  -3.052  -16.105 1.00 1.00 ? 1  DG A N3     1 
ATOM 19  C C4     . DG A 1 1  ? -2.354  -4.258  -16.033 1.00 1.00 ? 1  DG A C4     1 
ATOM 20  H "H5'"  . DG A 1 1  ? 3.285   -5.199  -17.162 1.00 1.00 ? 1  DG A "H5'"  1 
ATOM 21  H "H5''" . DG A 1 1  ? 1.573   -5.563  -17.245 1.00 1.00 ? 1  DG A "H5''" 1 
ATOM 22  H "H4'"  . DG A 1 1  ? 2.525   -2.755  -17.889 1.00 1.00 ? 1  DG A "H4'"  1 
ATOM 23  H "H3'"  . DG A 1 1  ? 3.363   -3.543  -15.465 1.00 1.00 ? 1  DG A "H3'"  1 
ATOM 24  H "H2'"  . DG A 1 1  ? 1.419   -4.824  -14.937 1.00 1.00 ? 1  DG A "H2'"  1 
ATOM 25  H "H2''" . DG A 1 1  ? 1.079   -3.319  -14.057 1.00 1.00 ? 1  DG A "H2''" 1 
ATOM 26  H "H1'"  . DG A 1 1  ? -0.317  -2.481  -15.579 1.00 1.00 ? 1  DG A "H1'"  1 
ATOM 27  H H8     . DG A 1 1  ? 0.091   -6.350  -15.878 1.00 1.00 ? 1  DG A H8     1 
ATOM 28  H H1     . DG A 1 1  ? -6.007  -4.328  -16.067 1.00 1.00 ? 1  DG A H1     1 
ATOM 29  H H21    . DG A 1 1  ? -6.055  -2.058  -15.994 1.00 1.00 ? 1  DG A H21    1 
ATOM 30  H H22    . DG A 1 1  ? -4.579  -1.120  -16.009 1.00 1.00 ? 1  DG A H22    1 
ATOM 31  H "HO5'" . DG A 1 1  ? 2.554   -5.915  -19.230 1.00 1.00 ? 1  DG A "HO5'" 1 
ATOM 32  P P      . DC A 1 2  ? 2.492   -0.925  -14.201 1.00 1.00 ? 2  DC A P      1 
ATOM 33  O OP1    . DC A 1 2  ? 2.994   0.447   -14.442 1.00 1.00 ? 2  DC A OP1    1 
ATOM 34  O OP2    . DC A 1 2  ? 3.188   -1.804  -13.235 1.00 1.00 ? 2  DC A OP2    1 
ATOM 35  O "O5'"  . DC A 1 2  ? 0.933   -0.824  -13.775 1.00 1.00 ? 2  DC A "O5'"  1 
ATOM 36  C "C5'"  . DC A 1 2  ? 0.025   -0.028  -14.514 1.00 1.00 ? 2  DC A "C5'"  1 
ATOM 37  C "C4'"  . DC A 1 2  ? -1.435  -0.259  -14.090 1.00 1.00 ? 2  DC A "C4'"  1 
ATOM 38  O "O4'"  . DC A 1 2  ? -1.798  -1.624  -14.112 1.00 1.00 ? 2  DC A "O4'"  1 
ATOM 39  C "C3'"  . DC A 1 2  ? -1.779  0.247   -12.706 1.00 1.00 ? 2  DC A "C3'"  1 
ATOM 40  O "O3'"  . DC A 1 2  ? -2.980  0.991   -12.829 1.00 1.00 ? 2  DC A "O3'"  1 
ATOM 41  C "C2'"  . DC A 1 2  ? -1.883  -1.031  -11.892 1.00 1.00 ? 2  DC A "C2'"  1 
ATOM 42  C "C1'"  . DC A 1 2  ? -2.457  -1.992  -12.922 1.00 1.00 ? 2  DC A "C1'"  1 
ATOM 43  N N1     . DC A 1 2  ? -2.177  -3.423  -12.620 1.00 1.00 ? 2  DC A N1     1 
ATOM 44  C C2     . DC A 1 2  ? -3.196  -4.373  -12.726 1.00 1.00 ? 2  DC A C2     1 
ATOM 45  O O2     . DC A 1 2  ? -4.350  -4.046  -12.992 1.00 1.00 ? 2  DC A O2     1 
ATOM 46  N N3     . DC A 1 2  ? -2.882  -5.687  -12.529 1.00 1.00 ? 2  DC A N3     1 
ATOM 47  C C4     . DC A 1 2  ? -1.629  -6.064  -12.226 1.00 1.00 ? 2  DC A C4     1 
ATOM 48  N N4     . DC A 1 2  ? -1.351  -7.358  -12.055 1.00 1.00 ? 2  DC A N4     1 
ATOM 49  C C5     . DC A 1 2  ? -0.571  -5.107  -12.102 1.00 1.00 ? 2  DC A C5     1 
ATOM 50  C C6     . DC A 1 2  ? -0.898  -3.811  -12.317 1.00 1.00 ? 2  DC A C6     1 
ATOM 51  H "H5'"  . DC A 1 2  ? 0.110   -0.264  -15.575 1.00 1.00 ? 2  DC A "H5'"  1 
ATOM 52  H "H5''" . DC A 1 2  ? 0.278   1.026   -14.383 1.00 1.00 ? 2  DC A "H5''" 1 
ATOM 53  H "H4'"  . DC A 1 2  ? -2.041  0.311   -14.782 1.00 1.00 ? 2  DC A "H4'"  1 
ATOM 54  H "H3'"  . DC A 1 2  ? -0.947  0.830   -12.381 1.00 1.00 ? 2  DC A "H3'"  1 
ATOM 55  H "H2'"  . DC A 1 2  ? -0.868  -1.311  -11.639 1.00 1.00 ? 2  DC A "H2'"  1 
ATOM 56  H "H2''" . DC A 1 2  ? -2.474  -0.943  -10.987 1.00 1.00 ? 2  DC A "H2''" 1 
ATOM 57  H "H1'"  . DC A 1 2  ? -3.512  -1.782  -13.035 1.00 1.00 ? 2  DC A "H1'"  1 
ATOM 58  H H41    . DC A 1 2  ? -2.083  -8.048  -12.124 1.00 1.00 ? 2  DC A H41    1 
ATOM 59  H H42    . DC A 1 2  ? -0.408  -7.649  -11.841 1.00 1.00 ? 2  DC A H42    1 
ATOM 60  H H5     . DC A 1 2  ? 0.440   -5.386  -11.830 1.00 1.00 ? 2  DC A H5     1 
ATOM 61  H H6     . DC A 1 2  ? -0.144  -3.039  -12.275 1.00 1.00 ? 2  DC A H6     1 
ATOM 62  P P      . DA A 1 3  ? -3.720  1.708   -11.597 1.00 1.00 ? 3  DA A P      1 
ATOM 63  O OP1    . DA A 1 3  ? -4.110  3.072   -12.018 1.00 1.00 ? 3  DA A OP1    1 
ATOM 64  O OP2    . DA A 1 3  ? -2.923  1.512   -10.366 1.00 1.00 ? 3  DA A OP2    1 
ATOM 65  O "O5'"  . DA A 1 3  ? -5.046  0.802   -11.499 1.00 1.00 ? 3  DA A "O5'"  1 
ATOM 66  C "C5'"  . DA A 1 3  ? -6.005  0.758   -12.543 1.00 1.00 ? 3  DA A "C5'"  1 
ATOM 67  C "C4'"  . DA A 1 3  ? -7.195  -0.072  -12.082 1.00 1.00 ? 3  DA A "C4'"  1 
ATOM 68  O "O4'"  . DA A 1 3  ? -6.850  -1.435  -11.947 1.00 1.00 ? 3  DA A "O4'"  1 
ATOM 69  C "C3'"  . DA A 1 3  ? -7.825  0.479   -10.813 1.00 1.00 ? 3  DA A "C3'"  1 
ATOM 70  O "O3'"  . DA A 1 3  ? -9.209  0.666   -11.061 1.00 1.00 ? 3  DA A "O3'"  1 
ATOM 71  C "C2'"  . DA A 1 3  ? -7.466  -0.629  -9.851  1.00 1.00 ? 3  DA A "C2'"  1 
ATOM 72  C "C1'"  . DA A 1 3  ? -7.216  -1.884  -10.666 1.00 1.00 ? 3  DA A "C1'"  1 
ATOM 73  N N9     . DA A 1 3  ? -6.080  -2.681  -10.178 1.00 1.00 ? 3  DA A N9     1 
ATOM 74  C C8     . DA A 1 3  ? -4.793  -2.254  -10.029 1.00 1.00 ? 3  DA A C8     1 
ATOM 75  N N7     . DA A 1 3  ? -3.936  -3.207  -9.772  1.00 1.00 ? 3  DA A N7     1 
ATOM 76  C C5     . DA A 1 3  ? -4.727  -4.354  -9.735  1.00 1.00 ? 3  DA A C5     1 
ATOM 77  C C6     . DA A 1 3  ? -4.449  -5.722  -9.511  1.00 1.00 ? 3  DA A C6     1 
ATOM 78  N N6     . DA A 1 3  ? -3.217  -6.209  -9.303  1.00 1.00 ? 3  DA A N6     1 
ATOM 79  N N1     . DA A 1 3  ? -5.481  -6.586  -9.503  1.00 1.00 ? 3  DA A N1     1 
ATOM 80  C C2     . DA A 1 3  ? -6.715  -6.141  -9.727  1.00 1.00 ? 3  DA A C2     1 
ATOM 81  N N3     . DA A 1 3  ? -7.101  -4.895  -9.982  1.00 1.00 ? 3  DA A N3     1 
ATOM 82  C C4     . DA A 1 3  ? -6.044  -4.037  -9.970  1.00 1.00 ? 3  DA A C4     1 
ATOM 83  H "H5'"  . DA A 1 3  ? -5.626  0.277   -13.444 1.00 1.00 ? 3  DA A "H5'"  1 
ATOM 84  H "H5''" . DA A 1 3  ? -6.346  1.766   -12.781 1.00 1.00 ? 3  DA A "H5''" 1 
ATOM 85  H "H4'"  . DA A 1 3  ? -7.961  -0.079  -12.826 1.00 1.00 ? 3  DA A "H4'"  1 
ATOM 86  H "H3'"  . DA A 1 3  ? -7.375  1.412   -10.473 1.00 1.00 ? 3  DA A "H3'"  1 
ATOM 87  H "H2'"  . DA A 1 3  ? -6.540  -0.350  -9.392  1.00 1.00 ? 3  DA A "H2'"  1 
ATOM 88  H "H2''" . DA A 1 3  ? -8.230  -0.763  -9.116  1.00 1.00 ? 3  DA A "H2''" 1 
ATOM 89  H "H1'"  . DA A 1 3  ? -8.122  -2.470  -10.658 1.00 1.00 ? 3  DA A "H1'"  1 
ATOM 90  H H8     . DA A 1 3  ? -4.578  -1.195  -10.120 1.00 1.00 ? 3  DA A H8     1 
ATOM 91  H H61    . DA A 1 3  ? -3.073  -7.201  -9.160  1.00 1.00 ? 3  DA A H61    1 
ATOM 92  H H62    . DA A 1 3  ? -2.430  -5.577  -9.296  1.00 1.00 ? 3  DA A H62    1 
ATOM 93  H H2     . DA A 1 3  ? -7.504  -6.880  -9.688  1.00 1.00 ? 3  DA A H2     1 
ATOM 94  P P      . DT A 1 4  ? -10.253 1.156   -9.937  1.00 1.00 ? 4  DT A P      1 
ATOM 95  O OP1    . DT A 1 4  ? -11.505 1.563   -10.612 1.00 1.00 ? 4  DT A OP1    1 
ATOM 96  O OP2    . DT A 1 4  ? -9.566  2.095   -9.022  1.00 1.00 ? 4  DT A OP2    1 
ATOM 97  O "O5'"  . DT A 1 4  ? -10.523 -0.220  -9.153  1.00 1.00 ? 4  DT A "O5'"  1 
ATOM 98  C "C5'"  . DT A 1 4  ? -10.872 -1.407  -9.843  1.00 1.00 ? 4  DT A "C5'"  1 
ATOM 99  C "C4'"  . DT A 1 4  ? -10.951 -2.624  -8.923  1.00 1.00 ? 4  DT A "C4'"  1 
ATOM 100 O "O4'"  . DT A 1 4  ? -9.670  -3.193  -8.766  1.00 1.00 ? 4  DT A "O4'"  1 
ATOM 101 C "C3'"  . DT A 1 4  ? -11.492 -2.317  -7.522  1.00 1.00 ? 4  DT A "C3'"  1 
ATOM 102 O "O3'"  . DT A 1 4  ? -12.804 -2.836  -7.412  1.00 1.00 ? 4  DT A "O3'"  1 
ATOM 103 C "C2'"  . DT A 1 4  ? -10.448 -2.960  -6.617  1.00 1.00 ? 4  DT A "C2'"  1 
ATOM 104 C "C1'"  . DT A 1 4  ? -9.655  -3.874  -7.533  1.00 1.00 ? 4  DT A "C1'"  1 
ATOM 105 N N1     . DT A 1 4  ? -8.270  -4.050  -7.055  1.00 1.00 ? 4  DT A N1     1 
ATOM 106 C C2     . DT A 1 4  ? -7.819  -5.275  -6.573  1.00 1.00 ? 4  DT A C2     1 
ATOM 107 O O2     . DT A 1 4  ? -8.548  -6.251  -6.420  1.00 1.00 ? 4  DT A O2     1 
ATOM 108 N N3     . DT A 1 4  ? -6.465  -5.334  -6.268  1.00 1.00 ? 4  DT A N3     1 
ATOM 109 C C4     . DT A 1 4  ? -5.544  -4.303  -6.403  1.00 1.00 ? 4  DT A C4     1 
ATOM 110 O O4     . DT A 1 4  ? -4.352  -4.499  -6.190  1.00 1.00 ? 4  DT A O4     1 
ATOM 111 C C5     . DT A 1 4  ? -6.133  -3.049  -6.820  1.00 1.00 ? 4  DT A C5     1 
ATOM 112 C C7     . DT A 1 4  ? -5.311  -1.796  -6.934  1.00 1.00 ? 4  DT A C7     1 
ATOM 113 C C6     . DT A 1 4  ? -7.442  -2.977  -7.128  1.00 1.00 ? 4  DT A C6     1 
ATOM 114 H "H5'"  . DT A 1 4  ? -10.138 -1.623  -10.599 1.00 1.00 ? 4  DT A "H5'"  1 
ATOM 115 H "H5''" . DT A 1 4  ? -11.793 -1.289  -10.380 1.00 1.00 ? 4  DT A "H5''" 1 
ATOM 116 H "H4'"  . DT A 1 4  ? -11.573 -3.386  -9.395  1.00 1.00 ? 4  DT A "H4'"  1 
ATOM 117 H "H3'"  . DT A 1 4  ? -11.487 -1.254  -7.300  1.00 1.00 ? 4  DT A "H3'"  1 
ATOM 118 H "H2'"  . DT A 1 4  ? -9.795  -2.164  -6.271  1.00 1.00 ? 4  DT A "H2'"  1 
ATOM 119 H "H2''" . DT A 1 4  ? -10.854 -3.500  -5.776  1.00 1.00 ? 4  DT A "H2''" 1 
ATOM 120 H "H1'"  . DT A 1 4  ? -10.150 -4.817  -7.652  1.00 1.00 ? 4  DT A "H1'"  1 
ATOM 121 H H3     . DT A 1 4  ? -6.111  -6.221  -5.940  1.00 1.00 ? 4  DT A H3     1 
ATOM 122 H H71    . DT A 1 4  ? -4.338  -2.034  -7.354  1.00 1.00 ? 4  DT A H71    1 
ATOM 123 H H72    . DT A 1 4  ? -5.226  -1.351  -5.950  1.00 1.00 ? 4  DT A H72    1 
ATOM 124 H H73    . DT A 1 4  ? -5.820  -1.091  -7.586  1.00 1.00 ? 4  DT A H73    1 
ATOM 125 H H6     . DT A 1 4  ? -7.878  -2.063  -7.473  1.00 1.00 ? 4  DT A H6     1 
ATOM 126 P P      . DC A 1 5  ? -13.728 -2.605  -6.108  1.00 1.00 ? 5  DC A P      1 
ATOM 127 O OP1    . DC A 1 5  ? -15.138 -2.847  -6.488  1.00 1.00 ? 5  DC A OP1    1 
ATOM 128 O OP2    . DC A 1 5  ? -13.347 -1.325  -5.469  1.00 1.00 ? 5  DC A OP2    1 
ATOM 129 O "O5'"  . DC A 1 5  ? -13.248 -3.807  -5.158  1.00 1.00 ? 5  DC A "O5'"  1 
ATOM 130 C "C5'"  . DC A 1 5  ? -13.439 -5.156  -5.534  1.00 1.00 ? 5  DC A "C5'"  1 
ATOM 131 C "C4'"  . DC A 1 5  ? -12.709 -6.058  -4.541  1.00 1.00 ? 5  DC A "C4'"  1 
ATOM 132 O "O4'"  . DC A 1 5  ? -11.315 -5.803  -4.593  1.00 1.00 ? 5  DC A "O4'"  1 
ATOM 133 C "C3'"  . DC A 1 5  ? -13.192 -5.835  -3.103  1.00 1.00 ? 5  DC A "C3'"  1 
ATOM 134 O "O3'"  . DC A 1 5  ? -13.697 -7.045  -2.563  1.00 1.00 ? 5  DC A "O3'"  1 
ATOM 135 C "C2'"  . DC A 1 5  ? -11.897 -5.403  -2.410  1.00 1.00 ? 5  DC A "C2'"  1 
ATOM 136 C "C1'"  . DC A 1 5  ? -10.803 -5.997  -3.294  1.00 1.00 ? 5  DC A "C1'"  1 
ATOM 137 N N1     . DC A 1 5  ? -9.470  -5.344  -3.146  1.00 1.00 ? 5  DC A N1     1 
ATOM 138 C C2     . DC A 1 5  ? -8.326  -6.123  -2.932  1.00 1.00 ? 5  DC A C2     1 
ATOM 139 O O2     . DC A 1 5  ? -8.409  -7.329  -2.701  1.00 1.00 ? 5  DC A O2     1 
ATOM 140 N N3     . DC A 1 5  ? -7.102  -5.520  -2.982  1.00 1.00 ? 5  DC A N3     1 
ATOM 141 C C4     . DC A 1 5  ? -6.983  -4.207  -3.241  1.00 1.00 ? 5  DC A C4     1 
ATOM 142 N N4     . DC A 1 5  ? -5.759  -3.667  -3.293  1.00 1.00 ? 5  DC A N4     1 
ATOM 143 C C5     . DC A 1 5  ? -8.144  -3.389  -3.467  1.00 1.00 ? 5  DC A C5     1 
ATOM 144 C C6     . DC A 1 5  ? -9.344  -4.001  -3.390  1.00 1.00 ? 5  DC A C6     1 
ATOM 145 H "H5'"  . DC A 1 5  ? -13.033 -5.336  -6.531  1.00 1.00 ? 5  DC A "H5'"  1 
ATOM 146 H "H5''" . DC A 1 5  ? -14.503 -5.395  -5.534  1.00 1.00 ? 5  DC A "H5''" 1 
ATOM 147 H "H4'"  . DC A 1 5  ? -12.867 -7.099  -4.804  1.00 1.00 ? 5  DC A "H4'"  1 
ATOM 148 H "H3'"  . DC A 1 5  ? -13.992 -5.087  -3.073  1.00 1.00 ? 5  DC A "H3'"  1 
ATOM 149 H "H2'"  . DC A 1 5  ? -11.825 -4.319  -2.395  1.00 1.00 ? 5  DC A "H2'"  1 
ATOM 150 H "H2''" . DC A 1 5  ? -11.835 -5.799  -1.409  1.00 1.00 ? 5  DC A "H2''" 1 
ATOM 151 H "H1'"  . DC A 1 5  ? -10.761 -7.064  -3.110  1.00 1.00 ? 5  DC A "H1'"  1 
ATOM 152 H H41    . DC A 1 5  ? -4.939  -4.248  -3.175  1.00 1.00 ? 5  DC A H41    1 
ATOM 153 H H42    . DC A 1 5  ? -5.651  -2.679  -3.466  1.00 1.00 ? 5  DC A H42    1 
ATOM 154 H H5     . DC A 1 5  ? -8.136  -2.344  -3.737  1.00 1.00 ? 5  DC A H5     1 
ATOM 155 H H6     . DC A 1 5  ? -10.229 -3.404  -3.514  1.00 1.00 ? 5  DC A H6     1 
ATOM 156 P P      . DG A 1 6  ? -14.441 -7.102  -1.125  1.00 1.00 ? 6  DG A P      1 
ATOM 157 O OP1    . DG A 1 6  ? -15.370 -8.254  -1.138  1.00 1.00 ? 6  DG A OP1    1 
ATOM 158 O OP2    . DG A 1 6  ? -14.962 -5.753  -0.806  1.00 1.00 ? 6  DG A OP2    1 
ATOM 159 O "O5'"  . DG A 1 6  ? -13.249 -7.429  -0.086  1.00 1.00 ? 6  DG A "O5'"  1 
ATOM 160 C "C5'"  . DG A 1 6  ? -12.552 -8.659  -0.144  1.00 1.00 ? 6  DG A "C5'"  1 
ATOM 161 C "C4'"  . DG A 1 6  ? -11.653 -8.896  1.075   1.00 1.00 ? 6  DG A "C4'"  1 
ATOM 162 O "O4'"  . DG A 1 6  ? -10.423 -8.239  0.841   1.00 1.00 ? 6  DG A "O4'"  1 
ATOM 163 C "C3'"  . DG A 1 6  ? -12.244 -8.389  2.390   1.00 1.00 ? 6  DG A "C3'"  1 
ATOM 164 O "O3'"  . DG A 1 6  ? -12.125 -9.346  3.434   1.00 1.00 ? 6  DG A "O3'"  1 
ATOM 165 C "C2'"  . DG A 1 6  ? -11.403 -7.144  2.664   1.00 1.00 ? 6  DG A "C2'"  1 
ATOM 166 C "C1'"  . DG A 1 6  ? -10.074 -7.457  1.960   1.00 1.00 ? 6  DG A "C1'"  1 
ATOM 167 N N9     . DG A 1 6  ? -9.346  -6.273  1.454   1.00 1.00 ? 6  DG A N9     1 
ATOM 168 C C8     . DG A 1 6  ? -9.847  -5.187  0.785   1.00 1.00 ? 6  DG A C8     1 
ATOM 169 N N7     . DG A 1 6  ? -8.941  -4.364  0.339   1.00 1.00 ? 6  DG A N7     1 
ATOM 170 C C5     . DG A 1 6  ? -7.744  -4.951  0.730   1.00 1.00 ? 6  DG A C5     1 
ATOM 171 C C6     . DG A 1 6  ? -6.401  -4.540  0.474   1.00 1.00 ? 6  DG A C6     1 
ATOM 172 O O6     . DG A 1 6  ? -6.025  -3.518  -0.092  1.00 1.00 ? 6  DG A O6     1 
ATOM 173 N N1     . DG A 1 6  ? -5.464  -5.461  0.938   1.00 1.00 ? 6  DG A N1     1 
ATOM 174 C C2     . DG A 1 6  ? -5.783  -6.618  1.625   1.00 1.00 ? 6  DG A C2     1 
ATOM 175 N N2     . DG A 1 6  ? -4.768  -7.401  2.004   1.00 1.00 ? 6  DG A N2     1 
ATOM 176 N N3     . DG A 1 6  ? -7.046  -6.986  1.901   1.00 1.00 ? 6  DG A N3     1 
ATOM 177 C C4     . DG A 1 6  ? -7.979  -6.117  1.419   1.00 1.00 ? 6  DG A C4     1 
ATOM 178 H "H5'"  . DG A 1 6  ? -11.920 -8.636  -1.031  1.00 1.00 ? 6  DG A "H5'"  1 
ATOM 179 H "H5''" . DG A 1 6  ? -13.262 -9.485  -0.210  1.00 1.00 ? 6  DG A "H5''" 1 
ATOM 180 H "H4'"  . DG A 1 6  ? -11.493 -9.964  1.177   1.00 1.00 ? 6  DG A "H4'"  1 
ATOM 181 H "H3'"  . DG A 1 6  ? -13.295 -8.173  2.234   1.00 1.00 ? 6  DG A "H3'"  1 
ATOM 182 H "H2'"  . DG A 1 6  ? -11.898 -6.282  2.224   1.00 1.00 ? 6  DG A "H2'"  1 
ATOM 183 H "H2''" . DG A 1 6  ? -11.287 -6.977  3.727   1.00 1.00 ? 6  DG A "H2''" 1 
ATOM 184 H "H1'"  . DG A 1 6  ? -9.416  -8.032  2.607   1.00 1.00 ? 6  DG A "H1'"  1 
ATOM 185 H H8     . DG A 1 6  ? -10.900 -5.039  0.626   1.00 1.00 ? 6  DG A H8     1 
ATOM 186 H H1     . DG A 1 6  ? -4.490  -5.273  0.738   1.00 1.00 ? 6  DG A H1     1 
ATOM 187 H H21    . DG A 1 6  ? -3.817  -7.167  1.745   1.00 1.00 ? 6  DG A H21    1 
ATOM 188 H H22    . DG A 1 6  ? -4.956  -8.252  2.511   1.00 1.00 ? 6  DG A H22    1 
ATOM 189 P P      . DA A 1 7  ? -13.103 -9.309  4.731   1.00 1.00 ? 7  DA A P      1 
ATOM 190 O OP1    . DA A 1 7  ? -13.840 -10.591 4.793   1.00 1.00 ? 7  DA A OP1    1 
ATOM 191 O OP2    . DA A 1 7  ? -13.856 -8.036  4.721   1.00 1.00 ? 7  DA A OP2    1 
ATOM 192 O "O5'"  . DA A 1 7  ? -12.084 -9.249  5.979   1.00 1.00 ? 7  DA A "O5'"  1 
ATOM 193 C "C5'"  . DA A 1 7  ? -11.450 -10.408 6.488   1.00 1.00 ? 7  DA A "C5'"  1 
ATOM 194 C "C4'"  . DA A 1 7  ? -9.993  -10.066 6.820   1.00 1.00 ? 7  DA A "C4'"  1 
ATOM 195 O "O4'"  . DA A 1 7  ? -9.430  -9.162  5.877   1.00 1.00 ? 7  DA A "O4'"  1 
ATOM 196 C "C3'"  . DA A 1 7  ? -9.826  -9.441  8.214   1.00 1.00 ? 7  DA A "C3'"  1 
ATOM 197 O "O3'"  . DA A 1 7  ? -9.082  -10.361 8.994   1.00 1.00 ? 7  DA A "O3'"  1 
ATOM 198 C "C2'"  . DA A 1 7  ? -9.093  -8.130  7.923   1.00 1.00 ? 7  DA A "C2'"  1 
ATOM 199 C "C1'"  . DA A 1 7  ? -8.464  -8.387  6.559   1.00 1.00 ? 7  DA A "C1'"  1 
ATOM 200 N N9     . DA A 1 7  ? -8.131  -7.135  5.857   1.00 1.00 ? 7  DA A N9     1 
ATOM 201 C C8     . DA A 1 7  ? -9.014  -6.212  5.397   1.00 1.00 ? 7  DA A C8     1 
ATOM 202 N N7     . DA A 1 7  ? -8.482  -5.182  4.803   1.00 1.00 ? 7  DA A N7     1 
ATOM 203 C C5     . DA A 1 7  ? -7.117  -5.439  4.897   1.00 1.00 ? 7  DA A C5     1 
ATOM 204 C C6     . DA A 1 7  ? -5.976  -4.727  4.472   1.00 1.00 ? 7  DA A C6     1 
ATOM 205 N N6     . DA A 1 7  ? -6.050  -3.566  3.810   1.00 1.00 ? 7  DA A N6     1 
ATOM 206 N N1     . DA A 1 7  ? -4.762  -5.243  4.744   1.00 1.00 ? 7  DA A N1     1 
ATOM 207 C C2     . DA A 1 7  ? -4.683  -6.404  5.392   1.00 1.00 ? 7  DA A C2     1 
ATOM 208 N N3     . DA A 1 7  ? -5.675  -7.175  5.834   1.00 1.00 ? 7  DA A N3     1 
ATOM 209 C C4     . DA A 1 7  ? -6.890  -6.627  5.551   1.00 1.00 ? 7  DA A C4     1 
ATOM 210 H "H5'"  . DA A 1 7  ? -11.479 -11.246 5.788   1.00 1.00 ? 7  DA A "H5'"  1 
ATOM 211 H "H5''" . DA A 1 7  ? -11.972 -10.738 7.388   1.00 1.00 ? 7  DA A "H5''" 1 
ATOM 212 H "H4'"  . DA A 1 7  ? -9.415  -10.992 6.779   1.00 1.00 ? 7  DA A "H4'"  1 
ATOM 213 H "H3'"  . DA A 1 7  ? -10.786 -9.232  8.691   1.00 1.00 ? 7  DA A "H3'"  1 
ATOM 214 H "H2'"  . DA A 1 7  ? -9.836  -7.335  7.857   1.00 1.00 ? 7  DA A "H2'"  1 
ATOM 215 H "H2''" . DA A 1 7  ? -8.351  -7.859  8.665   1.00 1.00 ? 7  DA A "H2''" 1 
ATOM 216 H "H1'"  . DA A 1 7  ? -7.565  -8.963  6.669   1.00 1.00 ? 7  DA A "H1'"  1 
ATOM 217 H H8     . DA A 1 7  ? -10.055 -6.390  5.559   1.00 1.00 ? 7  DA A H8     1 
ATOM 218 H H61    . DA A 1 7  ? -5.206  -3.096  3.519   1.00 1.00 ? 7  DA A H61    1 
ATOM 219 H H62    . DA A 1 7  ? -6.956  -3.174  3.595   1.00 1.00 ? 7  DA A H62    1 
ATOM 220 H H2     . DA A 1 7  ? -3.684  -6.766  5.585   1.00 1.00 ? 7  DA A H2     1 
ATOM 221 P P      . DA A 1 8  ? -8.547  -10.045 10.481  1.00 1.00 ? 8  DA A P      1 
ATOM 222 O OP1    . DA A 1 8  ? -8.637  -11.287 11.280  1.00 1.00 ? 8  DA A OP1    1 
ATOM 223 O OP2    . DA A 1 8  ? -9.187  -8.805  10.973  1.00 1.00 ? 8  DA A OP2    1 
ATOM 224 O "O5'"  . DA A 1 8  ? -6.989  -9.737  10.194  1.00 1.00 ? 8  DA A "O5'"  1 
ATOM 225 C "C5'"  . DA A 1 8  ? -6.149  -10.693 9.573   1.00 1.00 ? 8  DA A "C5'"  1 
ATOM 226 C "C4'"  . DA A 1 8  ? -4.659  -10.385 9.792   1.00 1.00 ? 8  DA A "C4'"  1 
ATOM 227 O "O4'"  . DA A 1 8  ? -4.232  -9.257  9.042   1.00 1.00 ? 8  DA A "O4'"  1 
ATOM 228 C "C3'"  . DA A 1 8  ? -4.338  -10.110 11.250  1.00 1.00 ? 8  DA A "C3'"  1 
ATOM 229 O "O3'"  . DA A 1 8  ? -3.036  -10.582 11.555  1.00 1.00 ? 8  DA A "O3'"  1 
ATOM 230 C "C2'"  . DA A 1 8  ? -4.435  -8.594  11.292  1.00 1.00 ? 8  DA A "C2'"  1 
ATOM 231 C "C1'"  . DA A 1 8  ? -3.880  -8.209  9.934   1.00 1.00 ? 8  DA A "C1'"  1 
ATOM 232 N N9     . DA A 1 8  ? -4.425  -6.926  9.447   1.00 1.00 ? 8  DA A N9     1 
ATOM 233 C C8     . DA A 1 8  ? -5.743  -6.608  9.312   1.00 1.00 ? 8  DA A C8     1 
ATOM 234 N N7     . DA A 1 8  ? -5.980  -5.444  8.778   1.00 1.00 ? 8  DA A N7     1 
ATOM 235 C C5     . DA A 1 8  ? -4.706  -4.947  8.531   1.00 1.00 ? 8  DA A C5     1 
ATOM 236 C C6     . DA A 1 8  ? -4.243  -3.750  7.947   1.00 1.00 ? 8  DA A C6     1 
ATOM 237 N N6     . DA A 1 8  ? -5.066  -2.802  7.483   1.00 1.00 ? 8  DA A N6     1 
ATOM 238 N N1     . DA A 1 8  ? -2.914  -3.560  7.847   1.00 1.00 ? 8  DA A N1     1 
ATOM 239 C C2     . DA A 1 8  ? -2.090  -4.508  8.292   1.00 1.00 ? 8  DA A C2     1 
ATOM 240 N N3     . DA A 1 8  ? -2.398  -5.678  8.848   1.00 1.00 ? 8  DA A N3     1 
ATOM 241 C C4     . DA A 1 8  ? -3.745  -5.842  8.942   1.00 1.00 ? 8  DA A C4     1 
ATOM 242 H "H5'"  . DA A 1 8  ? -6.363  -10.735 8.505   1.00 1.00 ? 8  DA A "H5'"  1 
ATOM 243 H "H5''" . DA A 1 8  ? -6.344  -11.676 10.005  1.00 1.00 ? 8  DA A "H5''" 1 
ATOM 244 H "H4'"  . DA A 1 8  ? -4.108  -11.277 9.521   1.00 1.00 ? 8  DA A "H4'"  1 
ATOM 245 H "H3'"  . DA A 1 8  ? -5.080  -10.613 11.854  1.00 1.00 ? 8  DA A "H3'"  1 
ATOM 246 H "H2'"  . DA A 1 8  ? -5.466  -8.286  11.435  1.00 1.00 ? 8  DA A "H2'"  1 
ATOM 247 H "H2''" . DA A 1 8  ? -3.801  -8.157  12.043  1.00 1.00 ? 8  DA A "H2''" 1 
ATOM 248 H "H1'"  . DA A 1 8  ? -2.812  -8.155  10.098  1.00 1.00 ? 8  DA A "H1'"  1 
ATOM 249 H H8     . DA A 1 8  ? -6.482  -7.307  9.646   1.00 1.00 ? 8  DA A H8     1 
ATOM 250 H H61    . DA A 1 8  ? -4.686  -1.969  7.058   1.00 1.00 ? 8  DA A H61    1 
ATOM 251 H H62    . DA A 1 8  ? -6.065  -2.935  7.548   1.00 1.00 ? 8  DA A H62    1 
ATOM 252 H H2     . DA A 1 8  ? -1.036  -4.302  8.182   1.00 1.00 ? 8  DA A H2     1 
ATOM 253 P P      . DT A 1 9  ? -2.390  -10.455 13.033  1.00 1.00 ? 9  DT A P      1 
ATOM 254 O OP1    . DT A 1 9  ? -1.287  -11.435 13.138  1.00 1.00 ? 9  DT A OP1    1 
ATOM 255 O OP2    . DT A 1 9  ? -3.484  -10.472 14.028  1.00 1.00 ? 9  DT A OP2    1 
ATOM 256 O "O5'"  . DT A 1 9  ? -1.748  -8.973  13.019  1.00 1.00 ? 9  DT A "O5'"  1 
ATOM 257 C "C5'"  . DT A 1 9  ? -0.690  -8.647  12.141  1.00 1.00 ? 9  DT A "C5'"  1 
ATOM 258 C "C4'"  . DT A 1 9  ? -0.277  -7.179  12.287  1.00 1.00 ? 9  DT A "C4'"  1 
ATOM 259 O "O4'"  . DT A 1 9  ? -1.246  -6.268  11.789  1.00 1.00 ? 9  DT A "O4'"  1 
ATOM 260 C "C3'"  . DT A 1 9  ? 0.066   -6.813  13.732  1.00 1.00 ? 9  DT A "C3'"  1 
ATOM 261 O "O3'"  . DT A 1 9  ? 1.347   -6.222  13.756  1.00 1.00 ? 9  DT A "O3'"  1 
ATOM 262 C "C2'"  . DT A 1 9  ? -1.037  -5.801  14.032  1.00 1.00 ? 9  DT A "C2'"  1 
ATOM 263 C "C1'"  . DT A 1 9  ? -1.363  -5.165  12.672  1.00 1.00 ? 9  DT A "C1'"  1 
ATOM 264 N N1     . DT A 1 9  ? -2.743  -4.631  12.518  1.00 1.00 ? 9  DT A N1     1 
ATOM 265 C C2     . DT A 1 9  ? -2.935  -3.444  11.804  1.00 1.00 ? 9  DT A C2     1 
ATOM 266 O O2     . DT A 1 9  ? -2.016  -2.715  11.436  1.00 1.00 ? 9  DT A O2     1 
ATOM 267 N N3     . DT A 1 9  ? -4.251  -3.108  11.506  1.00 1.00 ? 9  DT A N3     1 
ATOM 268 C C4     . DT A 1 9  ? -5.374  -3.861  11.818  1.00 1.00 ? 9  DT A C4     1 
ATOM 269 O O4     . DT A 1 9  ? -6.491  -3.466  11.497  1.00 1.00 ? 9  DT A O4     1 
ATOM 270 C C5     . DT A 1 9  ? -5.084  -5.097  12.523  1.00 1.00 ? 9  DT A C5     1 
ATOM 271 C C7     . DT A 1 9  ? -6.213  -6.042  12.872  1.00 1.00 ? 9  DT A C7     1 
ATOM 272 C C6     . DT A 1 9  ? -3.809  -5.426  12.845  1.00 1.00 ? 9  DT A C6     1 
ATOM 273 H "H5'"  . DT A 1 9  ? -0.988  -8.823  11.111  1.00 1.00 ? 9  DT A "H5'"  1 
ATOM 274 H "H5''" . DT A 1 9  ? 0.169   -9.283  12.366  1.00 1.00 ? 9  DT A "H5''" 1 
ATOM 275 H "H4'"  . DT A 1 9  ? 0.585   -7.033  11.661  1.00 1.00 ? 9  DT A "H4'"  1 
ATOM 276 H "H3'"  . DT A 1 9  ? 0.067   -7.688  14.395  1.00 1.00 ? 9  DT A "H3'"  1 
ATOM 277 H "H2'"  . DT A 1 9  ? -1.869  -6.360  14.420  1.00 1.00 ? 9  DT A "H2'"  1 
ATOM 278 H "H2''" . DT A 1 9  ? -0.765  -5.097  14.792  1.00 1.00 ? 9  DT A "H2''" 1 
ATOM 279 H "H1'"  . DT A 1 9  ? -0.646  -4.359  12.459  1.00 1.00 ? 9  DT A "H1'"  1 
ATOM 280 H H3     . DT A 1 9  ? -4.401  -2.245  11.007  1.00 1.00 ? 9  DT A H3     1 
ATOM 281 H H71    . DT A 1 9  ? -5.831  -6.954  13.333  1.00 1.00 ? 9  DT A H71    1 
ATOM 282 H H72    . DT A 1 9  ? -6.755  -6.306  11.964  1.00 1.00 ? 9  DT A H72    1 
ATOM 283 H H73    . DT A 1 9  ? -6.892  -5.551  13.565  1.00 1.00 ? 9  DT A H73    1 
ATOM 284 H H6     . DT A 1 9  ? -3.599  -6.353  13.351  1.00 1.00 ? 9  DT A H6     1 
ATOM 285 P P      . DA A 1 10 ? 2.216   -6.087  15.110  1.00 1.00 ? 10 DA A P      1 
ATOM 286 O OP1    . DA A 1 10 ? 3.611   -6.462  14.791  1.00 1.00 ? 10 DA A OP1    1 
ATOM 287 O OP2    . DA A 1 10 ? 1.504   -6.768  16.216  1.00 1.00 ? 10 DA A OP2    1 
ATOM 288 O "O5'"  . DA A 1 10 ? 2.180   -4.497  15.348  1.00 1.00 ? 10 DA A "O5'"  1 
ATOM 289 C "C5'"  . DA A 1 10 ? 1.685   -3.858  16.506  1.00 1.00 ? 10 DA A "C5'"  1 
ATOM 290 C "C4'"  . DA A 1 10 ? 2.833   -3.070  17.182  1.00 1.00 ? 10 DA A "C4'"  1 
ATOM 291 O "O4'"  . DA A 1 10 ? 4.033   -3.264  16.439  1.00 1.00 ? 10 DA A "O4'"  1 
ATOM 292 C "C3'"  . DA A 1 10 ? 2.618   -1.545  17.150  1.00 1.00 ? 10 DA A "C3'"  1 
ATOM 293 O "O3'"  . DA A 1 10 ? 3.401   -0.939  18.171  1.00 1.00 ? 10 DA A "O3'"  1 
ATOM 294 C "C2'"  . DA A 1 10 ? 3.120   -1.177  15.753  1.00 1.00 ? 10 DA A "C2'"  1 
ATOM 295 C "C1'"  . DA A 1 10 ? 4.172   -2.256  15.446  1.00 1.00 ? 10 DA A "C1'"  1 
ATOM 296 N N9     . DA A 1 10 ? 4.139   -2.756  14.046  1.00 1.00 ? 10 DA A N9     1 
ATOM 297 C C8     . DA A 1 10 ? 3.052   -2.952  13.238  1.00 1.00 ? 10 DA A C8     1 
ATOM 298 N N7     . DA A 1 10 ? 3.323   -3.283  12.009  1.00 1.00 ? 10 DA A N7     1 
ATOM 299 C C5     . DA A 1 10 ? 4.710   -3.328  11.995  1.00 1.00 ? 10 DA A C5     1 
ATOM 300 C C6     . DA A 1 10 ? 5.643   -3.661  10.990  1.00 1.00 ? 10 DA A C6     1 
ATOM 301 N N6     . DA A 1 10 ? 5.281   -3.990  9.745   1.00 1.00 ? 10 DA A N6     1 
ATOM 302 N N1     . DA A 1 10 ? 6.951   -3.672  11.308  1.00 1.00 ? 10 DA A N1     1 
ATOM 303 C C2     . DA A 1 10 ? 7.315   -3.353  12.548  1.00 1.00 ? 10 DA A C2     1 
ATOM 304 N N3     . DA A 1 10 ? 6.541   -3.002  13.574  1.00 1.00 ? 10 DA A N3     1 
ATOM 305 C C4     . DA A 1 10 ? 5.222   -3.011  13.230  1.00 1.00 ? 10 DA A C4     1 
ATOM 306 H "H5'"  . DA A 1 10 ? 1.145   -4.541  17.157  1.00 1.00 ? 10 DA A "H5'"  1 
ATOM 307 H "H5''" . DA A 1 10 ? 0.968   -3.110  16.172  1.00 1.00 ? 10 DA A "H5''" 1 
ATOM 308 H "H4'"  . DA A 1 10 ? 3.002   -3.450  18.195  1.00 1.00 ? 10 DA A "H4'"  1 
ATOM 309 H "H3'"  . DA A 1 10 ? 1.569   -1.266  17.311  1.00 1.00 ? 10 DA A "H3'"  1 
ATOM 310 H "H2'"  . DA A 1 10 ? 2.299   -1.206  15.047  1.00 1.00 ? 10 DA A "H2'"  1 
ATOM 311 H "H2''" . DA A 1 10 ? 3.523   -0.172  15.716  1.00 1.00 ? 10 DA A "H2''" 1 
ATOM 312 H "H1'"  . DA A 1 10 ? 5.150   -1.838  15.570  1.00 1.00 ? 10 DA A "H1'"  1 
ATOM 313 H H8     . DA A 1 10 ? 2.057   -2.867  13.634  1.00 1.00 ? 10 DA A H8     1 
ATOM 314 H H61    . DA A 1 10 ? 5.984   -4.223  9.059   1.00 1.00 ? 10 DA A H61    1 
ATOM 315 H H62    . DA A 1 10 ? 4.303   -3.990  9.497   1.00 1.00 ? 10 DA A H62    1 
ATOM 316 H H2     . DA A 1 10 ? 8.377   -3.418  12.745  1.00 1.00 ? 10 DA A H2     1 
ATOM 317 P P      . DA A 1 11 ? 3.304   0.644   18.521  1.00 1.00 ? 11 DA A P      1 
ATOM 318 O OP1    . DA A 1 11 ? 3.800   0.838   19.903  1.00 1.00 ? 11 DA A OP1    1 
ATOM 319 O OP2    . DA A 1 11 ? 1.953   1.128   18.155  1.00 1.00 ? 11 DA A OP2    1 
ATOM 320 O "O5'"  . DA A 1 11 ? 4.369   1.317   17.510  1.00 1.00 ? 11 DA A "O5'"  1 
ATOM 321 C "C5'"  . DA A 1 11 ? 5.756   1.157   17.719  1.00 1.00 ? 11 DA A "C5'"  1 
ATOM 322 C "C4'"  . DA A 1 11 ? 6.555   1.378   16.433  1.00 1.00 ? 11 DA A "C4'"  1 
ATOM 323 O "O4'"  . DA A 1 11 ? 6.012   0.588   15.378  1.00 1.00 ? 11 DA A "O4'"  1 
ATOM 324 C "C3'"  . DA A 1 11 ? 6.626   2.833   15.931  1.00 1.00 ? 11 DA A "C3'"  1 
ATOM 325 O "O3'"  . DA A 1 11 ? 8.000   3.120   15.723  1.00 1.00 ? 11 DA A "O3'"  1 
ATOM 326 C "C2'"  . DA A 1 11 ? 5.790   2.776   14.653  1.00 1.00 ? 11 DA A "C2'"  1 
ATOM 327 C "C1'"  . DA A 1 11 ? 6.048   1.347   14.185  1.00 1.00 ? 11 DA A "C1'"  1 
ATOM 328 N N9     . DA A 1 11 ? 5.080   0.888   13.165  1.00 1.00 ? 11 DA A N9     1 
ATOM 329 C C8     . DA A 1 11 ? 3.728   1.003   13.231  1.00 1.00 ? 11 DA A C8     1 
ATOM 330 N N7     . DA A 1 11 ? 3.075   0.541   12.205  1.00 1.00 ? 11 DA A N7     1 
ATOM 331 C C5     . DA A 1 11 ? 4.090   0.115   11.359  1.00 1.00 ? 11 DA A C5     1 
ATOM 332 C C6     . DA A 1 11 ? 4.075   -0.439  10.063  1.00 1.00 ? 11 DA A C6     1 
ATOM 333 N N6     . DA A 1 11 ? 2.946   -0.696  9.394   1.00 1.00 ? 11 DA A N6     1 
ATOM 334 N N1     . DA A 1 11 ? 5.253   -0.689  9.462   1.00 1.00 ? 11 DA A N1     1 
ATOM 335 C C2     . DA A 1 11 ? 6.380   -0.425  10.117  1.00 1.00 ? 11 DA A C2     1 
ATOM 336 N N3     . DA A 1 11 ? 6.530   0.077   11.343  1.00 1.00 ? 11 DA A N3     1 
ATOM 337 C C4     . DA A 1 11 ? 5.326   0.335   11.924  1.00 1.00 ? 11 DA A C4     1 
ATOM 338 H "H5'"  . DA A 1 11 ? 5.955   0.136   18.048  1.00 1.00 ? 11 DA A "H5'"  1 
ATOM 339 H "H5''" . DA A 1 11 ? 6.097   1.844   18.494  1.00 1.00 ? 11 DA A "H5''" 1 
ATOM 340 H "H4'"  . DA A 1 11 ? 7.564   1.030   16.671  1.00 1.00 ? 11 DA A "H4'"  1 
ATOM 341 H "H3'"  . DA A 1 11 ? 6.200   3.555   16.624  1.00 1.00 ? 11 DA A "H3'"  1 
ATOM 342 H "H2'"  . DA A 1 11 ? 4.752   2.868   14.956  1.00 1.00 ? 11 DA A "H2'"  1 
ATOM 343 H "H2''" . DA A 1 11 ? 6.001   3.555   13.918  1.00 1.00 ? 11 DA A "H2''" 1 
ATOM 344 H "H1'"  . DA A 1 11 ? 7.030   1.270   13.778  1.00 1.00 ? 11 DA A "H1'"  1 
ATOM 345 H H8     . DA A 1 11 ? 3.294   1.459   14.093  1.00 1.00 ? 11 DA A H8     1 
ATOM 346 H H61    . DA A 1 11 ? 2.985   -1.071  8.459   1.00 1.00 ? 11 DA A H61    1 
ATOM 347 H H62    . DA A 1 11 ? 2.057   -0.504  9.832   1.00 1.00 ? 11 DA A H62    1 
ATOM 348 H H2     . DA A 1 11 ? 7.280   -0.621  9.555   1.00 1.00 ? 11 DA A H2     1 
ATOM 349 P P      . DG A 1 12 ? 8.554   4.437   14.970  1.00 1.00 ? 12 DG A P      1 
ATOM 350 O OP1    . DG A 1 12 ? 9.789   4.874   15.661  1.00 1.00 ? 12 DG A OP1    1 
ATOM 351 O OP2    . DG A 1 12 ? 7.447   5.398   14.767  1.00 1.00 ? 12 DG A OP2    1 
ATOM 352 O "O5'"  . DG A 1 12 ? 8.970   3.805   13.546  1.00 1.00 ? 12 DG A "O5'"  1 
ATOM 353 C "C5'"  . DG A 1 12 ? 9.871   2.713   13.491  1.00 1.00 ? 12 DG A "C5'"  1 
ATOM 354 C "C4'"  . DG A 1 12 ? 10.388  2.432   12.079  1.00 1.00 ? 12 DG A "C4'"  1 
ATOM 355 O "O4'"  . DG A 1 12 ? 9.382   1.941   11.216  1.00 1.00 ? 12 DG A "O4'"  1 
ATOM 356 C "C3'"  . DG A 1 12 ? 11.018  3.649   11.420  1.00 1.00 ? 12 DG A "C3'"  1 
ATOM 357 O "O3'"  . DG A 1 12 ? 12.183  3.224   10.737  1.00 1.00 ? 12 DG A "O3'"  1 
ATOM 358 C "C2'"  . DG A 1 12 ? 9.893   4.134   10.519  1.00 1.00 ? 12 DG A "C2'"  1 
ATOM 359 C "C1'"  . DG A 1 12 ? 9.244   2.815   10.108  1.00 1.00 ? 12 DG A "C1'"  1 
ATOM 360 N N9     . DG A 1 12 ? 7.788   2.943   9.860   1.00 1.00 ? 12 DG A N9     1 
ATOM 361 C C8     . DG A 1 12 ? 6.816   3.420   10.707  1.00 1.00 ? 12 DG A C8     1 
ATOM 362 N N7     . DG A 1 12 ? 5.602   3.308   10.243  1.00 1.00 ? 12 DG A N7     1 
ATOM 363 C C5     . DG A 1 12 ? 5.774   2.691   9.009   1.00 1.00 ? 12 DG A C5     1 
ATOM 364 C C6     . DG A 1 12 ? 4.800   2.259   8.058   1.00 1.00 ? 12 DG A C6     1 
ATOM 365 O O6     . DG A 1 12 ? 3.580   2.386   8.113   1.00 1.00 ? 12 DG A O6     1 
ATOM 366 N N1     . DG A 1 12 ? 5.375   1.599   6.974   1.00 1.00 ? 12 DG A N1     1 
ATOM 367 C C2     . DG A 1 12 ? 6.731   1.400   6.808   1.00 1.00 ? 12 DG A C2     1 
ATOM 368 N N2     . DG A 1 12 ? 7.126   0.783   5.690   1.00 1.00 ? 12 DG A N2     1 
ATOM 369 N N3     . DG A 1 12 ? 7.646   1.800   7.704   1.00 1.00 ? 12 DG A N3     1 
ATOM 370 C C4     . DG A 1 12 ? 7.105   2.434   8.780   1.00 1.00 ? 12 DG A C4     1 
ATOM 371 H "H5'"  . DG A 1 12 ? 9.390   1.813   13.877  1.00 1.00 ? 12 DG A "H5'"  1 
ATOM 372 H "H5''" . DG A 1 12 ? 10.738  2.932   14.115  1.00 1.00 ? 12 DG A "H5''" 1 
ATOM 373 H "H4'"  . DG A 1 12 ? 11.148  1.675   12.189  1.00 1.00 ? 12 DG A "H4'"  1 
ATOM 374 H "H3'"  . DG A 1 12 ? 11.286  4.387   12.156  1.00 1.00 ? 12 DG A "H3'"  1 
ATOM 375 H "H2'"  . DG A 1 12 ? 9.207   4.746   11.104  1.00 1.00 ? 12 DG A "H2'"  1 
ATOM 376 H "H2''" . DG A 1 12 ? 10.273  4.710   9.681   1.00 1.00 ? 12 DG A "H2''" 1 
ATOM 377 H "H1'"  . DG A 1 12 ? 9.800   2.443   9.234   1.00 1.00 ? 12 DG A "H1'"  1 
ATOM 378 H H8     . DG A 1 12 ? 7.021   3.842   11.684  1.00 1.00 ? 12 DG A H8     1 
ATOM 379 H H1     . DG A 1 12 ? 4.744   1.204   6.290   1.00 1.00 ? 12 DG A H1     1 
ATOM 380 H H21    . DG A 1 12 ? 6.444   0.470   5.011   1.00 1.00 ? 12 DG A H21    1 
ATOM 381 H H22    . DG A 1 12 ? 8.109   0.621   5.531   1.00 1.00 ? 12 DG A H22    1 
ATOM 382 P P      . DC A 1 13 ? 13.081  4.207   9.826   1.00 1.00 ? 13 DC A P      1 
ATOM 383 O OP1    . DC A 1 13 ? 14.500  3.819   9.982   1.00 1.00 ? 13 DC A OP1    1 
ATOM 384 O OP2    . DC A 1 13 ? 12.667  5.609   10.055  1.00 1.00 ? 13 DC A OP2    1 
ATOM 385 O "O5'"  . DC A 1 13 ? 12.586  3.753   8.363   1.00 1.00 ? 13 DC A "O5'"  1 
ATOM 386 C "C5'"  . DC A 1 13 ? 12.740  2.410   7.950   1.00 1.00 ? 13 DC A "C5'"  1 
ATOM 387 C "C4'"  . DC A 1 13 ? 12.339  2.211   6.491   1.00 1.00 ? 13 DC A "C4'"  1 
ATOM 388 O "O4'"  . DC A 1 13 ? 10.944  2.204   6.286   1.00 1.00 ? 13 DC A "O4'"  1 
ATOM 389 C "C3'"  . DC A 1 13 ? 13.024  3.194   5.536   1.00 1.00 ? 13 DC A "C3'"  1 
ATOM 390 O "O3'"  . DC A 1 13 ? 13.625  2.456   4.483   1.00 1.00 ? 13 DC A "O3'"  1 
ATOM 391 C "C2'"  . DC A 1 13 ? 11.814  4.005   5.061   1.00 1.00 ? 13 DC A "C2'"  1 
ATOM 392 C "C1'"  . DC A 1 13 ? 10.623  3.048   5.200   1.00 1.00 ? 13 DC A "C1'"  1 
ATOM 393 N N1     . DC A 1 13 ? 9.407   3.793   5.592   1.00 1.00 ? 13 DC A N1     1 
ATOM 394 C C2     . DC A 1 13 ? 8.329   3.906   4.716   1.00 1.00 ? 13 DC A C2     1 
ATOM 395 O O2     . DC A 1 13 ? 8.398   3.484   3.564   1.00 1.00 ? 13 DC A O2     1 
ATOM 396 N N3     . DC A 1 13 ? 7.187   4.499   5.172   1.00 1.00 ? 13 DC A N3     1 
ATOM 397 C C4     . DC A 1 13 ? 7.123   5.010   6.412   1.00 1.00 ? 13 DC A C4     1 
ATOM 398 N N4     . DC A 1 13 ? 5.968   5.533   6.837   1.00 1.00 ? 13 DC A N4     1 
ATOM 399 C C5     . DC A 1 13 ? 8.248   4.955   7.304   1.00 1.00 ? 13 DC A C5     1 
ATOM 400 C C6     . DC A 1 13 ? 9.354   4.312   6.854   1.00 1.00 ? 13 DC A C6     1 
ATOM 401 H "H5'"  . DC A 1 13 ? 12.139  1.747   8.575   1.00 1.00 ? 13 DC A "H5'"  1 
ATOM 402 H "H5''" . DC A 1 13 ? 13.789  2.124   8.048   1.00 1.00 ? 13 DC A "H5''" 1 
ATOM 403 H "H4'"  . DC A 1 13 ? 12.607  1.205   6.249   1.00 1.00 ? 13 DC A "H4'"  1 
ATOM 404 H "H3'"  . DC A 1 13 ? 13.793  3.788   6.057   1.00 1.00 ? 13 DC A "H3'"  1 
ATOM 405 H "H2'"  . DC A 1 13 ? 11.713  4.894   5.683   1.00 1.00 ? 13 DC A "H2'"  1 
ATOM 406 H "H2''" . DC A 1 13 ? 11.881  4.341   4.043   1.00 1.00 ? 13 DC A "H2''" 1 
ATOM 407 H "H1'"  . DC A 1 13 ? 10.463  2.436   4.303   1.00 1.00 ? 13 DC A "H1'"  1 
ATOM 408 H H41    . DC A 1 13 ? 5.155   5.533   6.236   1.00 1.00 ? 13 DC A H41    1 
ATOM 409 H H42    . DC A 1 13 ? 5.897   5.900   7.774   1.00 1.00 ? 13 DC A H42    1 
ATOM 410 H H5     . DC A 1 13 ? 8.213   5.371   8.299   1.00 1.00 ? 13 DC A H5     1 
ATOM 411 H H6     . DC A 1 13 ? 10.245  4.136   7.457   1.00 1.00 ? 13 DC A H6     1 
ATOM 412 P P      . DT A 1 14 ? 14.666  3.131   3.447   1.00 1.00 ? 14 DT A P      1 
ATOM 413 O OP1    . DT A 1 14 ? 15.364  2.045   2.722   1.00 1.00 ? 14 DT A OP1    1 
ATOM 414 O OP2    . DT A 1 14 ? 15.458  4.153   4.167   1.00 1.00 ? 14 DT A OP2    1 
ATOM 415 O "O5'"  . DT A 1 14 ? 13.696  3.888   2.411   1.00 1.00 ? 14 DT A "O5'"  1 
ATOM 416 C "C5'"  . DT A 1 14 ? 13.046  3.194   1.365   1.00 1.00 ? 14 DT A "C5'"  1 
ATOM 417 C "C4'"  . DT A 1 14 ? 12.080  4.126   0.628   1.00 1.00 ? 14 DT A "C4'"  1 
ATOM 418 O "O4'"  . DT A 1 14 ? 10.960  4.438   1.435   1.00 1.00 ? 14 DT A "O4'"  1 
ATOM 419 C "C3'"  . DT A 1 14 ? 12.722  5.456   0.204   1.00 1.00 ? 14 DT A "C3'"  1 
ATOM 420 O "O3'"  . DT A 1 14 ? 12.813  5.485   -1.208  1.00 1.00 ? 14 DT A "O3'"  1 
ATOM 421 C "C2'"  . DT A 1 14 ? 11.767  6.503   0.789   1.00 1.00 ? 14 DT A "C2'"  1 
ATOM 422 C "C1'"  . DT A 1 14 ? 10.485  5.702   1.023   1.00 1.00 ? 14 DT A "C1'"  1 
ATOM 423 N N1     . DT A 1 14 ? 9.635   6.288   2.088   1.00 1.00 ? 14 DT A N1     1 
ATOM 424 C C2     . DT A 1 14 ? 8.263   6.452   1.890   1.00 1.00 ? 14 DT A C2     1 
ATOM 425 O O2     . DT A 1 14 ? 7.690   6.147   0.847   1.00 1.00 ? 14 DT A O2     1 
ATOM 426 N N3     . DT A 1 14 ? 7.553   6.997   2.957   1.00 1.00 ? 14 DT A N3     1 
ATOM 427 C C4     . DT A 1 14 ? 8.100   7.401   4.172   1.00 1.00 ? 14 DT A C4     1 
ATOM 428 O O4     . DT A 1 14 ? 7.388   7.880   5.048   1.00 1.00 ? 14 DT A O4     1 
ATOM 429 C C5     . DT A 1 14 ? 9.531   7.197   4.289   1.00 1.00 ? 14 DT A C5     1 
ATOM 430 C C7     . DT A 1 14 ? 10.259  7.643   5.543   1.00 1.00 ? 14 DT A C7     1 
ATOM 431 C C6     . DT A 1 14 ? 10.225  6.643   3.268   1.00 1.00 ? 14 DT A C6     1 
ATOM 432 H "H5'"  . DT A 1 14 ? 12.489  2.345   1.765   1.00 1.00 ? 14 DT A "H5'"  1 
ATOM 433 H "H5''" . DT A 1 14 ? 13.792  2.830   0.657   1.00 1.00 ? 14 DT A "H5''" 1 
ATOM 434 H "H4'"  . DT A 1 14 ? 11.702  3.608   -0.254  1.00 1.00 ? 14 DT A "H4'"  1 
ATOM 435 H "H3'"  . DT A 1 14 ? 13.720  5.579   0.623   1.00 1.00 ? 14 DT A "H3'"  1 
ATOM 436 H "H2'"  . DT A 1 14 ? 12.202  6.943   1.689   1.00 1.00 ? 14 DT A "H2'"  1 
ATOM 437 H "H2''" . DT A 1 14 ? 11.553  7.324   0.132   1.00 1.00 ? 14 DT A "H2''" 1 
ATOM 438 H "H1'"  . DT A 1 14 ? 9.972   5.626   0.064   1.00 1.00 ? 14 DT A "H1'"  1 
ATOM 439 H H3     . DT A 1 14 ? 6.553   7.093   2.836   1.00 1.00 ? 14 DT A H3     1 
ATOM 440 H H71    . DT A 1 14 ? 10.233  6.853   6.291   1.00 1.00 ? 14 DT A H71    1 
ATOM 441 H H72    . DT A 1 14 ? 9.782   8.532   5.955   1.00 1.00 ? 14 DT A H72    1 
ATOM 442 H H73    . DT A 1 14 ? 11.298  7.882   5.315   1.00 1.00 ? 14 DT A H73    1 
ATOM 443 H H6     . DT A 1 14 ? 11.286  6.459   3.334   1.00 1.00 ? 14 DT A H6     1 
ATOM 444 P P      . DA A 1 15 ? 13.297  6.793   -2.018  1.00 1.00 ? 15 DA A P      1 
ATOM 445 O OP1    . DA A 1 15 ? 13.956  6.352   -3.267  1.00 1.00 ? 15 DA A OP1    1 
ATOM 446 O OP2    . DA A 1 15 ? 14.004  7.704   -1.091  1.00 1.00 ? 15 DA A OP2    1 
ATOM 447 O "O5'"  . DA A 1 15 ? 11.874  7.450   -2.392  1.00 1.00 ? 15 DA A "O5'"  1 
ATOM 448 C "C5'"  . DA A 1 15 ? 10.977  6.781   -3.255  1.00 1.00 ? 15 DA A "C5'"  1 
ATOM 449 C "C4'"  . DA A 1 15 ? 9.824   7.695   -3.676  1.00 1.00 ? 15 DA A "C4'"  1 
ATOM 450 O "O4'"  . DA A 1 15 ? 8.946   8.059   -2.629  1.00 1.00 ? 15 DA A "O4'"  1 
ATOM 451 C "C3'"  . DA A 1 15 ? 10.336  8.971   -4.346  1.00 1.00 ? 15 DA A "C3'"  1 
ATOM 452 O "O3'"  . DA A 1 15 ? 9.592   9.212   -5.532  1.00 1.00 ? 15 DA A "O3'"  1 
ATOM 453 C "C2'"  . DA A 1 15 ? 10.100  9.996   -3.261  1.00 1.00 ? 15 DA A "C2'"  1 
ATOM 454 C "C1'"  . DA A 1 15 ? 8.849   9.471   -2.556  1.00 1.00 ? 15 DA A "C1'"  1 
ATOM 455 N N9     . DA A 1 15 ? 8.811   9.751   -1.110  1.00 1.00 ? 15 DA A N9     1 
ATOM 456 C C8     . DA A 1 15 ? 9.843   9.538   -0.247  1.00 1.00 ? 15 DA A C8     1 
ATOM 457 N N7     . DA A 1 15 ? 9.540   9.664   1.014   1.00 1.00 ? 15 DA A N7     1 
ATOM 458 C C5     . DA A 1 15 ? 8.187   9.985   0.982   1.00 1.00 ? 15 DA A C5     1 
ATOM 459 C C6     . DA A 1 15 ? 7.256   10.293  1.996   1.00 1.00 ? 15 DA A C6     1 
ATOM 460 N N6     . DA A 1 15 ? 7.582   10.340  3.292   1.00 1.00 ? 15 DA A N6     1 
ATOM 461 N N1     . DA A 1 15 ? 5.992   10.584  1.638   1.00 1.00 ? 15 DA A N1     1 
ATOM 462 C C2     . DA A 1 15 ? 5.662   10.580  0.349   1.00 1.00 ? 15 DA A C2     1 
ATOM 463 N N3     . DA A 1 15 ? 6.446   10.322  -0.700  1.00 1.00 ? 15 DA A N3     1 
ATOM 464 C C4     . DA A 1 15 ? 7.721   10.028  -0.312  1.00 1.00 ? 15 DA A C4     1 
ATOM 465 H "H5'"  . DA A 1 15 ? 10.597  5.848   -2.825  1.00 1.00 ? 15 DA A "H5'"  1 
ATOM 466 H "H5''" . DA A 1 15 ? 11.516  6.532   -4.165  1.00 1.00 ? 15 DA A "H5''" 1 
ATOM 467 H "H4'"  . DA A 1 15 ? 9.220   7.108   -4.345  1.00 1.00 ? 15 DA A "H4'"  1 
ATOM 468 H "H3'"  . DA A 1 15 ? 11.408  8.954   -4.530  1.00 1.00 ? 15 DA A "H3'"  1 
ATOM 469 H "H2'"  . DA A 1 15 ? 10.970  9.993   -2.617  1.00 1.00 ? 15 DA A "H2'"  1 
ATOM 470 H "H2''" . DA A 1 15 ? 10.001  10.973  -3.705  1.00 1.00 ? 15 DA A "H2''" 1 
ATOM 471 H "H1'"  . DA A 1 15 ? 7.995   9.894   -3.080  1.00 1.00 ? 15 DA A "H1'"  1 
ATOM 472 H H8     . DA A 1 15 ? 10.808  9.279   -0.651  1.00 1.00 ? 15 DA A H8     1 
ATOM 473 H H61    . DA A 1 15 ? 6.885   10.546  3.994   1.00 1.00 ? 15 DA A H61    1 
ATOM 474 H H62    . DA A 1 15 ? 8.534   10.150  3.569   1.00 1.00 ? 15 DA A H62    1 
ATOM 475 H H2     . DA A 1 15 ? 4.627   10.835  0.148   1.00 1.00 ? 15 DA A H2     1 
ATOM 476 P P      . DC A 1 16 ? 9.861   10.491  -6.488  1.00 1.00 ? 16 DC A P      1 
ATOM 477 O OP1    . DC A 1 16 ? 9.310   10.189  -7.828  1.00 1.00 ? 16 DC A OP1    1 
ATOM 478 O OP2    . DC A 1 16 ? 11.280  10.888  -6.351  1.00 1.00 ? 16 DC A OP2    1 
ATOM 479 O "O5'"  . DC A 1 16 ? 8.949   11.637  -5.809  1.00 1.00 ? 16 DC A "O5'"  1 
ATOM 480 C "C5'"  . DC A 1 16 ? 7.544   11.665  -5.984  1.00 1.00 ? 16 DC A "C5'"  1 
ATOM 481 C "C4'"  . DC A 1 16 ? 6.882   12.736  -5.112  1.00 1.00 ? 16 DC A "C4'"  1 
ATOM 482 O "O4'"  . DC A 1 16 ? 6.956   12.404  -3.739  1.00 1.00 ? 16 DC A "O4'"  1 
ATOM 483 C "C3'"  . DC A 1 16 ? 7.484   14.122  -5.291  1.00 1.00 ? 16 DC A "C3'"  1 
ATOM 484 O "O3'"  . DC A 1 16 ? 6.609   14.940  -6.056  1.00 1.00 ? 16 DC A "O3'"  1 
ATOM 485 C "C2'"  . DC A 1 16 ? 7.686   14.608  -3.849  1.00 1.00 ? 16 DC A "C2'"  1 
ATOM 486 C "C1'"  . DC A 1 16 ? 6.911   13.606  -2.998  1.00 1.00 ? 16 DC A "C1'"  1 
ATOM 487 N N1     . DC A 1 16 ? 7.566   13.406  -1.680  1.00 1.00 ? 16 DC A N1     1 
ATOM 488 C C2     . DC A 1 16 ? 6.908   13.727  -0.496  1.00 1.00 ? 16 DC A C2     1 
ATOM 489 O O2     . DC A 1 16 ? 5.766   14.179  -0.510  1.00 1.00 ? 16 DC A O2     1 
ATOM 490 N N3     . DC A 1 16 ? 7.566   13.524  0.683   1.00 1.00 ? 16 DC A N3     1 
ATOM 491 C C4     . DC A 1 16 ? 8.833   13.070  0.707   1.00 1.00 ? 16 DC A C4     1 
ATOM 492 N N4     . DC A 1 16 ? 9.411   12.838  1.891   1.00 1.00 ? 16 DC A N4     1 
ATOM 493 C C5     . DC A 1 16 ? 9.537   12.767  -0.508  1.00 1.00 ? 16 DC A C5     1 
ATOM 494 C C6     . DC A 1 16 ? 8.846   12.932  -1.653  1.00 1.00 ? 16 DC A C6     1 
ATOM 495 H "H5'"  . DC A 1 16 ? 7.129   10.705  -5.699  1.00 1.00 ? 16 DC A "H5'"  1 
ATOM 496 H "H5''" . DC A 1 16 ? 7.315   11.863  -7.033  1.00 1.00 ? 16 DC A "H5''" 1 
ATOM 497 H "H4'"  . DC A 1 16 ? 5.844   12.816  -5.402  1.00 1.00 ? 16 DC A "H4'"  1 
ATOM 498 H "H3'"  . DC A 1 16 ? 8.410   13.984  -5.826  1.00 1.00 ? 16 DC A "H3'"  1 
ATOM 499 H "H2'"  . DC A 1 16 ? 8.740   14.603  -3.560  1.00 1.00 ? 16 DC A "H2'"  1 
ATOM 500 H "H2''" . DC A 1 16 ? 7.261   15.591  -3.701  1.00 1.00 ? 16 DC A "H2''" 1 
ATOM 501 H "H1'"  . DC A 1 16 ? 5.889   13.963  -2.915  1.00 1.00 ? 16 DC A "H1'"  1 
ATOM 502 H H41    . DC A 1 16 ? 8.907   13.027  2.746   1.00 1.00 ? 16 DC A H41    1 
ATOM 503 H H42    . DC A 1 16 ? 10.344  12.456  1.928   1.00 1.00 ? 16 DC A H42    1 
ATOM 504 H H5     . DC A 1 16 ? 10.550  12.393  -0.579  1.00 1.00 ? 16 DC A H5     1 
ATOM 505 H H6     . DC A 1 16 ? 9.289   12.683  -2.593  1.00 1.00 ? 16 DC A H6     1 
ATOM 506 P P      . DG A 1 17 ? 7.090   16.328  -6.736  1.00 1.00 ? 17 DG A P      1 
ATOM 507 O OP1    . DG A 1 17 ? 6.188   16.620  -7.872  1.00 1.00 ? 17 DG A OP1    1 
ATOM 508 O OP2    . DG A 1 17 ? 8.551   16.268  -6.960  1.00 1.00 ? 17 DG A OP2    1 
ATOM 509 O "O5'"  . DG A 1 17 ? 6.810   17.415  -5.583  1.00 1.00 ? 17 DG A "O5'"  1 
ATOM 510 C "C5'"  . DG A 1 17 ? 5.541   18.025  -5.433  1.00 1.00 ? 17 DG A "C5'"  1 
ATOM 511 C "C4'"  . DG A 1 17 ? 5.494   18.782  -4.106  1.00 1.00 ? 17 DG A "C4'"  1 
ATOM 512 O "O4'"  . DG A 1 17 ? 5.714   17.882  -3.041  1.00 1.00 ? 17 DG A "O4'"  1 
ATOM 513 C "C3'"  . DG A 1 17 ? 6.530   19.882  -3.970  1.00 1.00 ? 17 DG A "C3'"  1 
ATOM 514 O "O3'"  . DG A 1 17 ? 6.068   21.126  -4.454  1.00 1.00 ? 17 DG A "O3'"  1 
ATOM 515 C "C2'"  . DG A 1 17 ? 6.793   19.926  -2.468  1.00 1.00 ? 17 DG A "C2'"  1 
ATOM 516 C "C1'"  . DG A 1 17 ? 6.215   18.606  -1.938  1.00 1.00 ? 17 DG A "C1'"  1 
ATOM 517 N N9     . DG A 1 17 ? 7.252   17.795  -1.284  1.00 1.00 ? 17 DG A N9     1 
ATOM 518 C C8     . DG A 1 17 ? 8.410   17.360  -1.851  1.00 1.00 ? 17 DG A C8     1 
ATOM 519 N N7     . DG A 1 17 ? 9.204   16.726  -1.036  1.00 1.00 ? 17 DG A N7     1 
ATOM 520 C C5     . DG A 1 17 ? 8.506   16.736  0.170   1.00 1.00 ? 17 DG A C5     1 
ATOM 521 C C6     . DG A 1 17 ? 8.887   16.247  1.455   1.00 1.00 ? 17 DG A C6     1 
ATOM 522 O O6     . DG A 1 17 ? 9.957   15.742  1.784   1.00 1.00 ? 17 DG A O6     1 
ATOM 523 N N1     . DG A 1 17 ? 7.886   16.421  2.410   1.00 1.00 ? 17 DG A N1     1 
ATOM 524 C C2     . DG A 1 17 ? 6.680   17.052  2.172   1.00 1.00 ? 17 DG A C2     1 
ATOM 525 N N2     . DG A 1 17 ? 5.861   17.212  3.217   1.00 1.00 ? 17 DG A N2     1 
ATOM 526 N N3     . DG A 1 17 ? 6.339   17.555  0.974   1.00 1.00 ? 17 DG A N3     1 
ATOM 527 C C4     . DG A 1 17 ? 7.290   17.361  0.019   1.00 1.00 ? 17 DG A C4     1 
ATOM 528 H "H5'"  . DG A 1 17 ? 4.760   17.262  -5.427  1.00 1.00 ? 17 DG A "H5'"  1 
ATOM 529 H "H5''" . DG A 1 17 ? 5.362   18.717  -6.257  1.00 1.00 ? 17 DG A "H5''" 1 
ATOM 530 H "H4'"  . DG A 1 17 ? 4.538   19.262  -3.981  1.00 1.00 ? 17 DG A "H4'"  1 
ATOM 531 H "H3'"  . DG A 1 17 ? 7.411   19.584  -4.513  1.00 1.00 ? 17 DG A "H3'"  1 
ATOM 532 H "HO3'" . DG A 1 17 ? 6.778   21.768  -4.372  1.00 1.00 ? 17 DG A "HO3'" 1 
ATOM 533 H "H2'"  . DG A 1 17 ? 7.861   20.030  -2.271  1.00 1.00 ? 17 DG A "H2'"  1 
ATOM 534 H "H2''" . DG A 1 17 ? 6.258   20.756  -2.010  1.00 1.00 ? 17 DG A "H2''" 1 
ATOM 535 H "H1'"  . DG A 1 17 ? 5.411   18.810  -1.244  1.00 1.00 ? 17 DG A "H1'"  1 
ATOM 536 H H8     . DG A 1 17 ? 8.597   17.581  -2.890  1.00 1.00 ? 17 DG A H8     1 
ATOM 537 H H1     . DG A 1 17 ? 8.086   16.099  3.346   1.00 1.00 ? 17 DG A H1     1 
ATOM 538 H H21    . DG A 1 17 ? 6.151   16.929  4.144   1.00 1.00 ? 17 DG A H21    1 
ATOM 539 H H22    . DG A 1 17 ? 4.968   17.665  3.088   1.00 1.00 ? 17 DG A H22    1 
ATOM 540 O "O5'"  . DC B 2 1  ? 8.674   18.277  13.332  1.00 1.00 ? 18 DC B "O5'"  1 
ATOM 541 C "C5'"  . DC B 2 1  ? 9.024   18.734  12.043  1.00 1.00 ? 18 DC B "C5'"  1 
ATOM 542 C "C4'"  . DC B 2 1  ? 7.859   18.602  11.072  1.00 1.00 ? 18 DC B "C4'"  1 
ATOM 543 O "O4'"  . DC B 2 1  ? 8.199   18.868  9.717   1.00 1.00 ? 18 DC B "O4'"  1 
ATOM 544 C "C3'"  . DC B 2 1  ? 7.023   17.312  11.125  1.00 1.00 ? 18 DC B "C3'"  1 
ATOM 545 O "O3'"  . DC B 2 1  ? 5.684   17.672  11.419  1.00 1.00 ? 18 DC B "O3'"  1 
ATOM 546 C "C2'"  . DC B 2 1  ? 7.205   16.808  9.702   1.00 1.00 ? 18 DC B "C2'"  1 
ATOM 547 C "C1'"  . DC B 2 1  ? 7.376   18.070  8.874   1.00 1.00 ? 18 DC B "C1'"  1 
ATOM 548 N N1     . DC B 2 1  ? 8.095   17.760  7.610   1.00 1.00 ? 18 DC B N1     1 
ATOM 549 C C2     . DC B 2 1  ? 7.454   17.910  6.377   1.00 1.00 ? 18 DC B C2     1 
ATOM 550 O O2     . DC B 2 1  ? 6.253   18.155  6.302   1.00 1.00 ? 18 DC B O2     1 
ATOM 551 N N3     . DC B 2 1  ? 8.206   17.779  5.242   1.00 1.00 ? 18 DC B N3     1 
ATOM 552 C C4     . DC B 2 1  ? 9.510   17.469  5.305   1.00 1.00 ? 18 DC B C4     1 
ATOM 553 N N4     . DC B 2 1  ? 10.227  17.444  4.178   1.00 1.00 ? 18 DC B N4     1 
ATOM 554 C C5     . DC B 2 1  ? 10.149  17.181  6.556   1.00 1.00 ? 18 DC B C5     1 
ATOM 555 C C6     . DC B 2 1  ? 9.400   17.344  7.669   1.00 1.00 ? 18 DC B C6     1 
ATOM 556 H "H5'"  . DC B 2 1  ? 9.838   18.157  11.665  1.00 1.00 ? 18 DC B "H5'"  1 
ATOM 557 H "H5''" . DC B 2 1  ? 9.341   19.776  12.102  1.00 1.00 ? 18 DC B "H5''" 1 
ATOM 558 H "H4'"  . DC B 2 1  ? 7.263   19.415  11.400  1.00 1.00 ? 18 DC B "H4'"  1 
ATOM 559 H "H3'"  . DC B 2 1  ? 7.370   16.562  11.838  1.00 1.00 ? 18 DC B "H3'"  1 
ATOM 560 H "H2'"  . DC B 2 1  ? 8.095   16.191  9.654   1.00 1.00 ? 18 DC B "H2'"  1 
ATOM 561 H "H2''" . DC B 2 1  ? 6.379   16.232  9.349   1.00 1.00 ? 18 DC B "H2''" 1 
ATOM 562 H "H1'"  . DC B 2 1  ? 6.395   18.532  8.702   1.00 1.00 ? 18 DC B "H1'"  1 
ATOM 563 H H41    . DC B 2 1  ? 9.788   17.664  3.297   1.00 1.00 ? 18 DC B H41    1 
ATOM 564 H H42    . DC B 2 1  ? 11.205  17.195  4.204   1.00 1.00 ? 18 DC B H42    1 
ATOM 565 H H5     . DC B 2 1  ? 11.178  16.862  6.643   1.00 1.00 ? 18 DC B H5     1 
ATOM 566 H H6     . DC B 2 1  ? 9.822   17.139  8.641   1.00 1.00 ? 18 DC B H6     1 
ATOM 567 H "HO5'" . DC B 2 1  ? 9.460   18.287  13.882  1.00 1.00 ? 18 DC B "HO5'" 1 
ATOM 568 P P      . DG B 2 2  ? 4.524   16.580  11.689  1.00 1.00 ? 19 DG B P      1 
ATOM 569 O OP1    . DG B 2 2  ? 3.550   17.174  12.633  1.00 1.00 ? 19 DG B OP1    1 
ATOM 570 O OP2    . DG B 2 2  ? 5.154   15.280  12.008  1.00 1.00 ? 19 DG B OP2    1 
ATOM 571 O "O5'"  . DG B 2 2  ? 3.813   16.452  10.250  1.00 1.00 ? 19 DG B "O5'"  1 
ATOM 572 C "C5'"  . DG B 2 2  ? 3.124   17.548  9.685   1.00 1.00 ? 19 DG B "C5'"  1 
ATOM 573 C "C4'"  . DG B 2 2  ? 2.395   17.127  8.410   1.00 1.00 ? 19 DG B "C4'"  1 
ATOM 574 O "O4'"  . DG B 2 2  ? 3.321   16.711  7.422   1.00 1.00 ? 19 DG B "O4'"  1 
ATOM 575 C "C3'"  . DG B 2 2  ? 1.394   15.998  8.630   1.00 1.00 ? 19 DG B "C3'"  1 
ATOM 576 O "O3'"  . DG B 2 2  ? 0.194   16.340  7.958   1.00 1.00 ? 19 DG B "O3'"  1 
ATOM 577 C "C2'"  . DG B 2 2  ? 2.123   14.796  8.048   1.00 1.00 ? 19 DG B "C2'"  1 
ATOM 578 C "C1'"  . DG B 2 2  ? 2.935   15.440  6.931   1.00 1.00 ? 19 DG B "C1'"  1 
ATOM 579 N N9     . DG B 2 2  ? 4.162   14.678  6.623   1.00 1.00 ? 19 DG B N9     1 
ATOM 580 C C8     . DG B 2 2  ? 5.130   14.257  7.493   1.00 1.00 ? 19 DG B C8     1 
ATOM 581 N N7     . DG B 2 2  ? 6.208   13.803  6.917   1.00 1.00 ? 19 DG B N7     1 
ATOM 582 C C5     . DG B 2 2  ? 5.925   13.906  5.558   1.00 1.00 ? 19 DG B C5     1 
ATOM 583 C C6     . DG B 2 2  ? 6.726   13.584  4.420   1.00 1.00 ? 19 DG B C6     1 
ATOM 584 O O6     . DG B 2 2  ? 7.893   13.200  4.398   1.00 1.00 ? 19 DG B O6     1 
ATOM 585 N N1     . DG B 2 2  ? 6.039   13.762  3.220   1.00 1.00 ? 19 DG B N1     1 
ATOM 586 C C2     . DG B 2 2  ? 4.737   14.220  3.129   1.00 1.00 ? 19 DG B C2     1 
ATOM 587 N N2     . DG B 2 2  ? 4.199   14.330  1.913   1.00 1.00 ? 19 DG B N2     1 
ATOM 588 N N3     . DG B 2 2  ? 4.005   14.575  4.194   1.00 1.00 ? 19 DG B N3     1 
ATOM 589 C C4     . DG B 2 2  ? 4.652   14.392  5.373   1.00 1.00 ? 19 DG B C4     1 
ATOM 590 H "H5'"  . DG B 2 2  ? 3.828   18.346  9.447   1.00 1.00 ? 19 DG B "H5'"  1 
ATOM 591 H "H5''" . DG B 2 2  ? 2.384   17.929  10.389  1.00 1.00 ? 19 DG B "H5''" 1 
ATOM 592 H "H4'"  . DG B 2 2  ? 1.835   17.985  8.063   1.00 1.00 ? 19 DG B "H4'"  1 
ATOM 593 H "H3'"  . DG B 2 2  ? 1.192   15.860  9.680   1.00 1.00 ? 19 DG B "H3'"  1 
ATOM 594 H "H2'"  . DG B 2 2  ? 2.790   14.384  8.786   1.00 1.00 ? 19 DG B "H2'"  1 
ATOM 595 H "H2''" . DG B 2 2  ? 1.466   13.990  7.759   1.00 1.00 ? 19 DG B "H2''" 1 
ATOM 596 H "H1'"  . DG B 2 2  ? 2.316   15.581  6.049   1.00 1.00 ? 19 DG B "H1'"  1 
ATOM 597 H H8     . DG B 2 2  ? 4.986   14.309  8.564   1.00 1.00 ? 19 DG B H8     1 
ATOM 598 H H1     . DG B 2 2  ? 6.544   13.561  2.365   1.00 1.00 ? 19 DG B H1     1 
ATOM 599 H H21    . DG B 2 2  ? 4.751   14.153  1.087   1.00 1.00 ? 19 DG B H21    1 
ATOM 600 H H22    . DG B 2 2  ? 3.238   14.626  1.819   1.00 1.00 ? 19 DG B H22    1 
ATOM 601 P P      . DT B 2 3  ? -1.065  15.343  7.869   1.00 1.00 ? 20 DT B P      1 
ATOM 602 O OP1    . DT B 2 3  ? -2.292  16.151  7.692   1.00 1.00 ? 20 DT B OP1    1 
ATOM 603 O OP2    . DT B 2 3  ? -0.979  14.356  8.968   1.00 1.00 ? 20 DT B OP2    1 
ATOM 604 O "O5'"  . DT B 2 3  ? -0.732  14.601  6.483   1.00 1.00 ? 20 DT B "O5'"  1 
ATOM 605 C "C5'"  . DT B 2 3  ? -0.762  15.305  5.257   1.00 1.00 ? 20 DT B "C5'"  1 
ATOM 606 C "C4'"  . DT B 2 3  ? -0.492  14.345  4.100   1.00 1.00 ? 20 DT B "C4'"  1 
ATOM 607 O "O4'"  . DT B 2 3  ? 0.861   13.907  4.089   1.00 1.00 ? 20 DT B "O4'"  1 
ATOM 608 C "C3'"  . DT B 2 3  ? -1.397  13.112  4.196   1.00 1.00 ? 20 DT B "C3'"  1 
ATOM 609 O "O3'"  . DT B 2 3  ? -2.195  13.031  3.029   1.00 1.00 ? 20 DT B "O3'"  1 
ATOM 610 C "C2'"  . DT B 2 3  ? -0.384  11.994  4.353   1.00 1.00 ? 20 DT B "C2'"  1 
ATOM 611 C "C1'"  . DT B 2 3  ? 0.887   12.540  3.720   1.00 1.00 ? 20 DT B "C1'"  1 
ATOM 612 N N1     . DT B 2 3  ? 2.115   11.876  4.218   1.00 1.00 ? 20 DT B N1     1 
ATOM 613 C C2     . DT B 2 3  ? 3.035   11.341  3.318   1.00 1.00 ? 20 DT B C2     1 
ATOM 614 O O2     . DT B 2 3  ? 2.858   11.314  2.103   1.00 1.00 ? 20 DT B O2     1 
ATOM 615 N N3     . DT B 2 3  ? 4.199   10.831  3.875   1.00 1.00 ? 20 DT B N3     1 
ATOM 616 C C4     . DT B 2 3  ? 4.508   10.785  5.227   1.00 1.00 ? 20 DT B C4     1 
ATOM 617 O O4     . DT B 2 3  ? 5.608   10.372  5.587   1.00 1.00 ? 20 DT B O4     1 
ATOM 618 C C5     . DT B 2 3  ? 3.451   11.269  6.097   1.00 1.00 ? 20 DT B C5     1 
ATOM 619 C C7     . DT B 2 3  ? 3.570   11.136  7.603   1.00 1.00 ? 20 DT B C7     1 
ATOM 620 C C6     . DT B 2 3  ? 2.323   11.801  5.563   1.00 1.00 ? 20 DT B C6     1 
ATOM 621 H "H5'"  . DT B 2 3  ? -0.017  16.103  5.251   1.00 1.00 ? 20 DT B "H5'"  1 
ATOM 622 H "H5''" . DT B 2 3  ? -1.751  15.742  5.113   1.00 1.00 ? 20 DT B "H5''" 1 
ATOM 623 H "H4'"  . DT B 2 3  ? -0.678  14.869  3.161   1.00 1.00 ? 20 DT B "H4'"  1 
ATOM 624 H "H3'"  . DT B 2 3  ? -2.057  13.070  5.057   1.00 1.00 ? 20 DT B "H3'"  1 
ATOM 625 H "H2'"  . DT B 2 3  ? -0.251  11.720  5.404   1.00 1.00 ? 20 DT B "H2'"  1 
ATOM 626 H "H2''" . DT B 2 3  ? -0.746  11.170  3.798   1.00 1.00 ? 20 DT B "H2''" 1 
ATOM 627 H "H1'"  . DT B 2 3  ? 0.803   12.394  2.650   1.00 1.00 ? 20 DT B "H1'"  1 
ATOM 628 H H3     . DT B 2 3  ? 4.892   10.486  3.225   1.00 1.00 ? 20 DT B H3     1 
ATOM 629 H H71    . DT B 2 3  ? 2.779   10.481  7.969   1.00 1.00 ? 20 DT B H71    1 
ATOM 630 H H72    . DT B 2 3  ? 3.465   12.111  8.074   1.00 1.00 ? 20 DT B H72    1 
ATOM 631 H H73    . DT B 2 3  ? 4.534   10.711  7.882   1.00 1.00 ? 20 DT B H73    1 
ATOM 632 H H6     . DT B 2 3  ? 1.524   12.201  6.164   1.00 1.00 ? 20 DT B H6     1 
ATOM 633 P P      . DA B 2 4  ? -3.404  11.968  2.880   1.00 1.00 ? 21 DA B P      1 
ATOM 634 O OP1    . DA B 2 4  ? -4.412  12.541  1.960   1.00 1.00 ? 21 DA B OP1    1 
ATOM 635 O OP2    . DA B 2 4  ? -3.816  11.503  4.224   1.00 1.00 ? 21 DA B OP2    1 
ATOM 636 O "O5'"  . DA B 2 4  ? -2.667  10.751  2.134   1.00 1.00 ? 21 DA B "O5'"  1 
ATOM 637 C "C5'"  . DA B 2 4  ? -2.199  10.906  0.810   1.00 1.00 ? 21 DA B "C5'"  1 
ATOM 638 C "C4'"  . DA B 2 4  ? -1.625  9.600   0.270   1.00 1.00 ? 21 DA B "C4'"  1 
ATOM 639 O "O4'"  . DA B 2 4  ? -0.346  9.364   0.820   1.00 1.00 ? 21 DA B "O4'"  1 
ATOM 640 C "C3'"  . DA B 2 4  ? -2.508  8.384   0.542   1.00 1.00 ? 21 DA B "C3'"  1 
ATOM 641 O "O3'"  . DA B 2 4  ? -2.773  7.716   -0.680  1.00 1.00 ? 21 DA B "O3'"  1 
ATOM 642 C "C2'"  . DA B 2 4  ? -1.669  7.577   1.527   1.00 1.00 ? 21 DA B "C2'"  1 
ATOM 643 C "C1'"  . DA B 2 4  ? -0.252  8.000   1.160   1.00 1.00 ? 21 DA B "C1'"  1 
ATOM 644 N N9     . DA B 2 4  ? 0.724   7.875   2.250   1.00 1.00 ? 21 DA B N9     1 
ATOM 645 C C8     . DA B 2 4  ? 0.561   8.338   3.515   1.00 1.00 ? 21 DA B C8     1 
ATOM 646 N N7     . DA B 2 4  ? 1.633   8.299   4.256   1.00 1.00 ? 21 DA B N7     1 
ATOM 647 C C5     . DA B 2 4  ? 2.584   7.752   3.399   1.00 1.00 ? 21 DA B C5     1 
ATOM 648 C C6     . DA B 2 4  ? 3.946   7.425   3.561   1.00 1.00 ? 21 DA B C6     1 
ATOM 649 N N6     . DA B 2 4  ? 4.580   7.592   4.723   1.00 1.00 ? 21 DA B N6     1 
ATOM 650 N N1     . DA B 2 4  ? 4.605   6.865   2.525   1.00 1.00 ? 21 DA B N1     1 
ATOM 651 C C2     . DA B 2 4  ? 3.944   6.649   1.387   1.00 1.00 ? 21 DA B C2     1 
ATOM 652 N N3     . DA B 2 4  ? 2.672   6.922   1.105   1.00 1.00 ? 21 DA B N3     1 
ATOM 653 C C4     . DA B 2 4  ? 2.037   7.482   2.169   1.00 1.00 ? 21 DA B C4     1 
ATOM 654 H "H5'"  . DA B 2 4  ? -1.417  11.664  0.792   1.00 1.00 ? 21 DA B "H5'"  1 
ATOM 655 H "H5''" . DA B 2 4  ? -3.022  11.211  0.163   1.00 1.00 ? 21 DA B "H5''" 1 
ATOM 656 H "H4'"  . DA B 2 4  ? -1.532  9.706   -0.799  1.00 1.00 ? 21 DA B "H4'"  1 
ATOM 657 H "H3'"  . DA B 2 4  ? -3.435  8.705   0.992   1.00 1.00 ? 21 DA B "H3'"  1 
ATOM 658 H "H2'"  . DA B 2 4  ? -1.931  7.896   2.527   1.00 1.00 ? 21 DA B "H2'"  1 
ATOM 659 H "H2''" . DA B 2 4  ? -1.820  6.507   1.453   1.00 1.00 ? 21 DA B "H2''" 1 
ATOM 660 H "H1'"  . DA B 2 4  ? 0.067   7.408   0.326   1.00 1.00 ? 21 DA B "H1'"  1 
ATOM 661 H H8     . DA B 2 4  ? -0.408  8.706   3.787   1.00 1.00 ? 21 DA B H8     1 
ATOM 662 H H61    . DA B 2 4  ? 5.552   7.336   4.817   1.00 1.00 ? 21 DA B H61    1 
ATOM 663 H H62    . DA B 2 4  ? 4.082   7.984   5.508   1.00 1.00 ? 21 DA B H62    1 
ATOM 664 H H2     . DA B 2 4  ? 4.489   6.152   0.598   1.00 1.00 ? 21 DA B H2     1 
ATOM 665 P P      . DG B 2 5  ? -3.608  6.337   -0.753  1.00 1.00 ? 22 DG B P      1 
ATOM 666 O OP1    . DG B 2 5  ? -4.214  6.229   -2.098  1.00 1.00 ? 22 DG B OP1    1 
ATOM 667 O OP2    . DG B 2 5  ? -4.457  6.224   0.453   1.00 1.00 ? 22 DG B OP2    1 
ATOM 668 O "O5'"  . DG B 2 5  ? -2.413  5.263   -0.642  1.00 1.00 ? 22 DG B "O5'"  1 
ATOM 669 C "C5'"  . DG B 2 5  ? -1.447  5.153   -1.667  1.00 1.00 ? 22 DG B "C5'"  1 
ATOM 670 C "C4'"  . DG B 2 5  ? -0.366  4.137   -1.298  1.00 1.00 ? 22 DG B "C4'"  1 
ATOM 671 O "O4'"  . DG B 2 5  ? 0.468   4.590   -0.245  1.00 1.00 ? 22 DG B "O4'"  1 
ATOM 672 C "C3'"  . DG B 2 5  ? -0.918  2.767   -0.922  1.00 1.00 ? 22 DG B "C3'"  1 
ATOM 673 O "O3'"  . DG B 2 5  ? -0.446  1.812   -1.864  1.00 1.00 ? 22 DG B "O3'"  1 
ATOM 674 C "C2'"  . DG B 2 5  ? -0.424  2.583   0.502   1.00 1.00 ? 22 DG B "C2'"  1 
ATOM 675 C "C1'"  . DG B 2 5  ? 0.798   3.481   0.568   1.00 1.00 ? 22 DG B "C1'"  1 
ATOM 676 N N9     . DG B 2 5  ? 1.119   3.953   1.921   1.00 1.00 ? 22 DG B N9     1 
ATOM 677 C C8     . DG B 2 5  ? 0.266   4.501   2.827   1.00 1.00 ? 22 DG B C8     1 
ATOM 678 N N7     . DG B 2 5  ? 0.821   4.816   3.965   1.00 1.00 ? 22 DG B N7     1 
ATOM 679 C C5     . DG B 2 5  ? 2.157   4.456   3.790   1.00 1.00 ? 22 DG B C5     1 
ATOM 680 C C6     . DG B 2 5  ? 3.263   4.523   4.694   1.00 1.00 ? 22 DG B C6     1 
ATOM 681 O O6     . DG B 2 5  ? 3.275   4.944   5.847   1.00 1.00 ? 22 DG B O6     1 
ATOM 682 N N1     . DG B 2 5  ? 4.442   4.034   4.131   1.00 1.00 ? 22 DG B N1     1 
ATOM 683 C C2     . DG B 2 5  ? 4.543   3.531   2.848   1.00 1.00 ? 22 DG B C2     1 
ATOM 684 N N2     . DG B 2 5  ? 5.743   3.102   2.447   1.00 1.00 ? 22 DG B N2     1 
ATOM 685 N N3     . DG B 2 5  ? 3.506   3.455   2.003   1.00 1.00 ? 22 DG B N3     1 
ATOM 686 C C4     . DG B 2 5  ? 2.348   3.935   2.533   1.00 1.00 ? 22 DG B C4     1 
ATOM 687 H "H5'"  . DG B 2 5  ? -0.972  6.118   -1.847  1.00 1.00 ? 22 DG B "H5'"  1 
ATOM 688 H "H5''" . DG B 2 5  ? -1.936  4.823   -2.586  1.00 1.00 ? 22 DG B "H5''" 1 
ATOM 689 H "H4'"  . DG B 2 5  ? 0.247   3.996   -2.172  1.00 1.00 ? 22 DG B "H4'"  1 
ATOM 690 H "H3'"  . DG B 2 5  ? -1.990  2.780   -0.905  1.00 1.00 ? 22 DG B "H3'"  1 
ATOM 691 H "H2'"  . DG B 2 5  ? -1.168  2.909   1.213   1.00 1.00 ? 22 DG B "H2'"  1 
ATOM 692 H "H2''" . DG B 2 5  ? -0.224  1.546   0.678   1.00 1.00 ? 22 DG B "H2''" 1 
ATOM 693 H "H1'"  . DG B 2 5  ? 1.628   2.894   0.217   1.00 1.00 ? 22 DG B "H1'"  1 
ATOM 694 H H8     . DG B 2 5  ? -0.772  4.611   2.561   1.00 1.00 ? 22 DG B H8     1 
ATOM 695 H H1     . DG B 2 5  ? 5.282   4.077   4.695   1.00 1.00 ? 22 DG B H1     1 
ATOM 696 H H21    . DG B 2 5  ? 6.544   3.182   3.058   1.00 1.00 ? 22 DG B H21    1 
ATOM 697 H H22    . DG B 2 5  ? 5.855   2.731   1.515   1.00 1.00 ? 22 DG B H22    1 
ATOM 698 P P      . DC B 2 6  ? -0.588  0.211   -1.685  1.00 1.00 ? 23 DC B P      1 
ATOM 699 O OP1    . DC B 2 6  ? -0.593  -0.411  -3.028  1.00 1.00 ? 23 DC B OP1    1 
ATOM 700 O OP2    . DC B 2 6  ? -1.685  -0.084  -0.736  1.00 1.00 ? 23 DC B OP2    1 
ATOM 701 O "O5'"  . DC B 2 6  ? 0.820   -0.133  -0.973  1.00 1.00 ? 23 DC B "O5'"  1 
ATOM 702 C "C5'"  . DC B 2 6  ? 2.042   0.203   -1.605  1.00 1.00 ? 23 DC B "C5'"  1 
ATOM 703 C "C4'"  . DC B 2 6  ? 3.260   -0.379  -0.883  1.00 1.00 ? 23 DC B "C4'"  1 
ATOM 704 O "O4'"  . DC B 2 6  ? 3.558   0.286   0.325   1.00 1.00 ? 23 DC B "O4'"  1 
ATOM 705 C "C3'"  . DC B 2 6  ? 3.106   -1.873  -0.594  1.00 1.00 ? 23 DC B "C3'"  1 
ATOM 706 O "O3'"  . DC B 2 6  ? 4.325   -2.547  -0.845  1.00 1.00 ? 23 DC B "O3'"  1 
ATOM 707 C "C2'"  . DC B 2 6  ? 2.844   -1.859  0.909   1.00 1.00 ? 23 DC B "C2'"  1 
ATOM 708 C "C1'"  . DC B 2 6  ? 3.716   -0.684  1.344   1.00 1.00 ? 23 DC B "C1'"  1 
ATOM 709 N N1     . DC B 2 6  ? 3.223   -0.099  2.602   1.00 1.00 ? 23 DC B N1     1 
ATOM 710 C C2     . DC B 2 6  ? 4.038   0.083   3.719   1.00 1.00 ? 23 DC B C2     1 
ATOM 711 O O2     . DC B 2 6  ? 5.185   -0.356  3.754   1.00 1.00 ? 23 DC B O2     1 
ATOM 712 N N3     . DC B 2 6  ? 3.518   0.770   4.783   1.00 1.00 ? 23 DC B N3     1 
ATOM 713 C C4     . DC B 2 6  ? 2.278   1.290   4.732   1.00 1.00 ? 23 DC B C4     1 
ATOM 714 N N4     . DC B 2 6  ? 1.806   1.954   5.792   1.00 1.00 ? 23 DC B N4     1 
ATOM 715 C C5     . DC B 2 6  ? 1.470   1.161   3.550   1.00 1.00 ? 23 DC B C5     1 
ATOM 716 C C6     . DC B 2 6  ? 1.990   0.454   2.542   1.00 1.00 ? 23 DC B C6     1 
ATOM 717 H "H5'"  . DC B 2 6  ? 2.149   1.288   -1.668  1.00 1.00 ? 23 DC B "H5'"  1 
ATOM 718 H "H5''" . DC B 2 6  ? 2.038   -0.201  -2.618  1.00 1.00 ? 23 DC B "H5''" 1 
ATOM 719 H "H4'"  . DC B 2 6  ? 4.097   -0.201  -1.536  1.00 1.00 ? 23 DC B "H4'"  1 
ATOM 720 H "H3'"  . DC B 2 6  ? 2.288   -2.298  -1.173  1.00 1.00 ? 23 DC B "H3'"  1 
ATOM 721 H "H2'"  . DC B 2 6  ? 1.793   -1.652  1.115   1.00 1.00 ? 23 DC B "H2'"  1 
ATOM 722 H "H2''" . DC B 2 6  ? 3.142   -2.775  1.408   1.00 1.00 ? 23 DC B "H2''" 1 
ATOM 723 H "H1'"  . DC B 2 6  ? 4.743   -0.996  1.396   1.00 1.00 ? 23 DC B "H1'"  1 
ATOM 724 H H41    . DC B 2 6  ? 2.381   2.063   6.616   1.00 1.00 ? 23 DC B H41    1 
ATOM 725 H H42    . DC B 2 6  ? 0.892   2.380   5.755   1.00 1.00 ? 23 DC B H42    1 
ATOM 726 H H5     . DC B 2 6  ? 0.557   1.658   3.298   1.00 1.00 ? 23 DC B H5     1 
ATOM 727 H H6     . DC B 2 6  ? 1.442   0.304   1.634   1.00 1.00 ? 23 DC B H6     1 
ATOM 728 P P      . DC B 2 7  ? 4.350   -4.073  -1.367  1.00 1.00 ? 24 DC B P      1 
ATOM 729 O OP1    . DC B 2 7  ? 5.714   -4.605  -1.147  1.00 1.00 ? 24 DC B OP1    1 
ATOM 730 O OP2    . DC B 2 7  ? 3.782   -4.078  -2.732  1.00 1.00 ? 24 DC B OP2    1 
ATOM 731 O "O5'"  . DC B 2 7  ? 3.311   -4.875  -0.417  1.00 1.00 ? 24 DC B "O5'"  1 
ATOM 732 C "C5'"  . DC B 2 7  ? 3.681   -5.526  0.786   1.00 1.00 ? 24 DC B "C5'"  1 
ATOM 733 C "C4'"  . DC B 2 7  ? 2.860   -6.810  0.936   1.00 1.00 ? 24 DC B "C4'"  1 
ATOM 734 O "O4'"  . DC B 2 7  ? 1.474   -6.578  1.170   1.00 1.00 ? 24 DC B "O4'"  1 
ATOM 735 C "C3'"  . DC B 2 7  ? 3.003   -7.681  -0.314  1.00 1.00 ? 24 DC B "C3'"  1 
ATOM 736 O "O3'"  . DC B 2 7  ? 3.339   -8.970  0.161   1.00 1.00 ? 24 DC B "O3'"  1 
ATOM 737 C "C2'"  . DC B 2 7  ? 1.622   -7.541  -0.963  1.00 1.00 ? 24 DC B "C2'"  1 
ATOM 738 C "C1'"  . DC B 2 7  ? 0.673   -7.235  0.192   1.00 1.00 ? 24 DC B "C1'"  1 
ATOM 739 N N1     . DC B 2 7  ? -0.422  -6.306  -0.199  1.00 1.00 ? 24 DC B N1     1 
ATOM 740 C C2     . DC B 2 7  ? -1.754  -6.542  0.156   1.00 1.00 ? 24 DC B C2     1 
ATOM 741 O O2     . DC B 2 7  ? -2.090  -7.577  0.727   1.00 1.00 ? 24 DC B O2     1 
ATOM 742 N N3     . DC B 2 7  ? -2.683  -5.579  -0.138  1.00 1.00 ? 24 DC B N3     1 
ATOM 743 C C4     . DC B 2 7  ? -2.332  -4.437  -0.757  1.00 1.00 ? 24 DC B C4     1 
ATOM 744 N N4     . DC B 2 7  ? -3.258  -3.503  -0.996  1.00 1.00 ? 24 DC B N4     1 
ATOM 745 C C5     . DC B 2 7  ? -0.970  -4.186  -1.126  1.00 1.00 ? 24 DC B C5     1 
ATOM 746 C C6     . DC B 2 7  ? -0.075  -5.138  -0.811  1.00 1.00 ? 24 DC B C6     1 
ATOM 747 H "H5'"  . DC B 2 7  ? 3.517   -4.888  1.651   1.00 1.00 ? 24 DC B "H5'"  1 
ATOM 748 H "H5''" . DC B 2 7  ? 4.731   -5.818  0.767   1.00 1.00 ? 24 DC B "H5''" 1 
ATOM 749 H "H4'"  . DC B 2 7  ? 3.252   -7.338  1.807   1.00 1.00 ? 24 DC B "H4'"  1 
ATOM 750 H "H3'"  . DC B 2 7  ? 3.786   -7.351  -1.002  1.00 1.00 ? 24 DC B "H3'"  1 
ATOM 751 H "H2'"  . DC B 2 7  ? 1.610   -6.739  -1.706  1.00 1.00 ? 24 DC B "H2'"  1 
ATOM 752 H "H2''" . DC B 2 7  ? 1.313   -8.450  -1.442  1.00 1.00 ? 24 DC B "H2''" 1 
ATOM 753 H "H1'"  . DC B 2 7  ? 0.284   -8.199  0.516   1.00 1.00 ? 24 DC B "H1'"  1 
ATOM 754 H H41    . DC B 2 7  ? -4.221  -3.660  -0.738  1.00 1.00 ? 24 DC B H41    1 
ATOM 755 H H42    . DC B 2 7  ? -2.986  -2.625  -1.416  1.00 1.00 ? 24 DC B H42    1 
ATOM 756 H H5     . DC B 2 7  ? -0.608  -3.314  -1.645  1.00 1.00 ? 24 DC B H5     1 
ATOM 757 H H6     . DC B 2 7  ? 0.962   -5.000  -1.024  1.00 1.00 ? 24 DC B H6     1 
ATOM 758 P P      . DG B 2 8  ? 3.933   -10.122 -0.792  1.00 1.00 ? 25 DG B P      1 
ATOM 759 O OP1    . DG B 2 8  ? 4.645   -11.110 0.051   1.00 1.00 ? 25 DG B OP1    1 
ATOM 760 O OP2    . DG B 2 8  ? 4.614   -9.510  -1.953  1.00 1.00 ? 25 DG B OP2    1 
ATOM 761 O "O5'"  . DG B 2 8  ? 2.563   -10.770 -1.286  1.00 1.00 ? 25 DG B "O5'"  1 
ATOM 762 C "C5'"  . DG B 2 8  ? 1.736   -11.479 -0.389  1.00 1.00 ? 25 DG B "C5'"  1 
ATOM 763 C "C4'"  . DG B 2 8  ? 0.443   -11.834 -1.111  1.00 1.00 ? 25 DG B "C4'"  1 
ATOM 764 O "O4'"  . DG B 2 8  ? -0.326  -10.657 -1.304  1.00 1.00 ? 25 DG B "O4'"  1 
ATOM 765 C "C3'"  . DG B 2 8  ? 0.690   -12.495 -2.460  1.00 1.00 ? 25 DG B "C3'"  1 
ATOM 766 O "O3'"  . DG B 2 8  ? 0.216   -13.833 -2.451  1.00 1.00 ? 25 DG B "O3'"  1 
ATOM 767 C "C2'"  . DG B 2 8  ? -0.022  -11.548 -3.404  1.00 1.00 ? 25 DG B "C2'"  1 
ATOM 768 C "C1'"  . DG B 2 8  ? -1.001  -10.752 -2.538  1.00 1.00 ? 25 DG B "C1'"  1 
ATOM 769 N N9     . DG B 2 8  ? -1.262  -9.378  -3.035  1.00 1.00 ? 25 DG B N9     1 
ATOM 770 C C8     . DG B 2 8  ? -0.398  -8.484  -3.623  1.00 1.00 ? 25 DG B C8     1 
ATOM 771 N N7     . DG B 2 8  ? -0.914  -7.300  -3.816  1.00 1.00 ? 25 DG B N7     1 
ATOM 772 C C5     . DG B 2 8  ? -2.221  -7.419  -3.353  1.00 1.00 ? 25 DG B C5     1 
ATOM 773 C C6     . DG B 2 8  ? -3.282  -6.459  -3.319  1.00 1.00 ? 25 DG B C6     1 
ATOM 774 O O6     . DG B 2 8  ? -3.242  -5.273  -3.633  1.00 1.00 ? 25 DG B O6     1 
ATOM 775 N N1     . DG B 2 8  ? -4.483  -7.005  -2.874  1.00 1.00 ? 25 DG B N1     1 
ATOM 776 C C2     . DG B 2 8  ? -4.637  -8.315  -2.464  1.00 1.00 ? 25 DG B C2     1 
ATOM 777 N N2     . DG B 2 8  ? -5.864  -8.695  -2.094  1.00 1.00 ? 25 DG B N2     1 
ATOM 778 N N3     . DG B 2 8  ? -3.633  -9.208  -2.455  1.00 1.00 ? 25 DG B N3     1 
ATOM 779 C C4     . DG B 2 8  ? -2.456  -8.701  -2.917  1.00 1.00 ? 25 DG B C4     1 
ATOM 780 H "H5'"  . DG B 2 8  ? 1.494   -10.864 0.481   1.00 1.00 ? 25 DG B "H5'"  1 
ATOM 781 H "H5''" . DG B 2 8  ? 2.236   -12.393 -0.066  1.00 1.00 ? 25 DG B "H5''" 1 
ATOM 782 H "H4'"  . DG B 2 8  ? -0.114  -12.544 -0.524  1.00 1.00 ? 25 DG B "H4'"  1 
ATOM 783 H "H3'"  . DG B 2 8  ? 1.731   -12.512 -2.718  1.00 1.00 ? 25 DG B "H3'"  1 
ATOM 784 H "H2'"  . DG B 2 8  ? 0.710   -10.906 -3.868  1.00 1.00 ? 25 DG B "H2'"  1 
ATOM 785 H "H2''" . DG B 2 8  ? -0.448  -12.128 -4.182  1.00 1.00 ? 25 DG B "H2''" 1 
ATOM 786 H "H1'"  . DG B 2 8  ? -1.949  -11.282 -2.402  1.00 1.00 ? 25 DG B "H1'"  1 
ATOM 787 H H8     . DG B 2 8  ? 0.626   -8.727  -3.895  1.00 1.00 ? 25 DG B H8     1 
ATOM 788 H H1     . DG B 2 8  ? -5.294  -6.397  -2.865  1.00 1.00 ? 25 DG B H1     1 
ATOM 789 H H21    . DG B 2 8  ? -6.638  -8.046  -2.144  1.00 1.00 ? 25 DG B H21    1 
ATOM 790 H H22    . DG B 2 8  ? -6.026  -9.649  -1.807  1.00 1.00 ? 25 DG B H22    1 
ATOM 791 P P      . DA B 2 9  ? 0.152   -14.770 -3.772  1.00 1.00 ? 26 DA B P      1 
ATOM 792 O OP1    . DA B 2 9  ? 0.358   -16.175 -3.355  1.00 1.00 ? 26 DA B OP1    1 
ATOM 793 O OP2    . DA B 2 9  ? 0.996   -14.183 -4.837  1.00 1.00 ? 26 DA B OP2    1 
ATOM 794 O "O5'"  . DA B 2 9  ? -1.400  -14.582 -4.173  1.00 1.00 ? 26 DA B "O5'"  1 
ATOM 795 C "C5'"  . DA B 2 9  ? -2.392  -14.843 -3.201  1.00 1.00 ? 26 DA B "C5'"  1 
ATOM 796 C "C4'"  . DA B 2 9  ? -3.829  -14.634 -3.665  1.00 1.00 ? 26 DA B "C4'"  1 
ATOM 797 O "O4'"  . DA B 2 9  ? -4.160  -13.261 -3.747  1.00 1.00 ? 26 DA B "O4'"  1 
ATOM 798 C "C3'"  . DA B 2 9  ? -4.126  -15.316 -4.993  1.00 1.00 ? 26 DA B "C3'"  1 
ATOM 799 O "O3'"  . DA B 2 9  ? -5.311  -16.088 -4.869  1.00 1.00 ? 26 DA B "O3'"  1 
ATOM 800 C "C2'"  . DA B 2 9  ? -4.233  -14.132 -5.930  1.00 1.00 ? 26 DA B "C2'"  1 
ATOM 801 C "C1'"  . DA B 2 9  ? -4.660  -12.974 -5.035  1.00 1.00 ? 26 DA B "C1'"  1 
ATOM 802 N N9     . DA B 2 9  ? -4.089  -11.692 -5.445  1.00 1.00 ? 26 DA B N9     1 
ATOM 803 C C8     . DA B 2 9  ? -2.773  -11.429 -5.620  1.00 1.00 ? 26 DA B C8     1 
ATOM 804 N N7     . DA B 2 9  ? -2.491  -10.187 -5.897  1.00 1.00 ? 26 DA B N7     1 
ATOM 805 C C5     . DA B 2 9  ? -3.741  -9.577  -5.877  1.00 1.00 ? 26 DA B C5     1 
ATOM 806 C C6     . DA B 2 9  ? -4.166  -8.253  -6.090  1.00 1.00 ? 26 DA B C6     1 
ATOM 807 N N6     . DA B 2 9  ? -3.323  -7.260  -6.389  1.00 1.00 ? 26 DA B N6     1 
ATOM 808 N N1     . DA B 2 9  ? -5.480  -7.984  -5.978  1.00 1.00 ? 26 DA B N1     1 
ATOM 809 C C2     . DA B 2 9  ? -6.329  -8.963  -5.676  1.00 1.00 ? 26 DA B C2     1 
ATOM 810 N N3     . DA B 2 9  ? -6.058  -10.245 -5.462  1.00 1.00 ? 26 DA B N3     1 
ATOM 811 C C4     . DA B 2 9  ? -4.726  -10.489 -5.582  1.00 1.00 ? 26 DA B C4     1 
ATOM 812 H "H5'"  . DA B 2 9  ? -2.243  -14.148 -2.386  1.00 1.00 ? 26 DA B "H5'"  1 
ATOM 813 H "H5''" . DA B 2 9  ? -2.287  -15.866 -2.838  1.00 1.00 ? 26 DA B "H5''" 1 
ATOM 814 H "H4'"  . DA B 2 9  ? -4.451  -15.061 -2.892  1.00 1.00 ? 26 DA B "H4'"  1 
ATOM 815 H "H3'"  . DA B 2 9  ? -3.294  -15.924 -5.311  1.00 1.00 ? 26 DA B "H3'"  1 
ATOM 816 H "H2'"  . DA B 2 9  ? -3.262  -13.964 -6.391  1.00 1.00 ? 26 DA B "H2'"  1 
ATOM 817 H "H2''" . DA B 2 9  ? -4.966  -14.345 -6.682  1.00 1.00 ? 26 DA B "H2''" 1 
ATOM 818 H "H1'"  . DA B 2 9  ? -5.732  -12.866 -5.058  1.00 1.00 ? 26 DA B "H1'"  1 
ATOM 819 H H8     . DA B 2 9  ? -2.104  -12.257 -5.531  1.00 1.00 ? 26 DA B H8     1 
ATOM 820 H H61    . DA B 2 9  ? -3.668  -6.317  -6.505  1.00 1.00 ? 26 DA B H61    1 
ATOM 821 H H62    . DA B 2 9  ? -2.333  -7.450  -6.449  1.00 1.00 ? 26 DA B H62    1 
ATOM 822 H H2     . DA B 2 9  ? -7.369  -8.689  -5.601  1.00 1.00 ? 26 DA B H2     1 
ATOM 823 P P      . DT B 2 10 ? -5.935  -16.955 -6.088  1.00 1.00 ? 27 DT B P      1 
ATOM 824 O OP1    . DT B 2 10 ? -6.919  -17.905 -5.521  1.00 1.00 ? 27 DT B OP1    1 
ATOM 825 O OP2    . DT B 2 10 ? -4.825  -17.459 -6.928  1.00 1.00 ? 27 DT B OP2    1 
ATOM 826 O "O5'"  . DT B 2 10 ? -6.738  -15.835 -6.923  1.00 1.00 ? 27 DT B "O5'"  1 
ATOM 827 C "C5'"  . DT B 2 10 ? -7.750  -15.059 -6.309  1.00 1.00 ? 27 DT B "C5'"  1 
ATOM 828 C "C4'"  . DT B 2 10 ? -8.107  -13.818 -7.129  1.00 1.00 ? 27 DT B "C4'"  1 
ATOM 829 O "O4'"  . DT B 2 10 ? -7.087  -12.847 -7.179  1.00 1.00 ? 27 DT B "O4'"  1 
ATOM 830 C "C3'"  . DT B 2 10 ? -8.464  -14.161 -8.581  1.00 1.00 ? 27 DT B "C3'"  1 
ATOM 831 O "O3'"  . DT B 2 10 ? -9.858  -14.018 -8.811  1.00 1.00 ? 27 DT B "O3'"  1 
ATOM 832 C "C2'"  . DT B 2 10 ? -7.629  -13.163 -9.378  1.00 1.00 ? 27 DT B "C2'"  1 
ATOM 833 C "C1'"  . DT B 2 10 ? -7.296  -12.085 -8.353  1.00 1.00 ? 27 DT B "C1'"  1 
ATOM 834 N N1     . DT B 2 10 ? -6.053  -11.352 -8.695  1.00 1.00 ? 27 DT B N1     1 
ATOM 835 C C2     . DT B 2 10 ? -6.101  -9.983  -8.932  1.00 1.00 ? 27 DT B C2     1 
ATOM 836 O O2     . DT B 2 10 ? -7.149  -9.345  -8.985  1.00 1.00 ? 27 DT B O2     1 
ATOM 837 N N3     . DT B 2 10 ? -4.874  -9.358  -9.098  1.00 1.00 ? 27 DT B N3     1 
ATOM 838 C C4     . DT B 2 10 ? -3.625  -9.963  -9.056  1.00 1.00 ? 27 DT B C4     1 
ATOM 839 O O4     . DT B 2 10 ? -2.615  -9.267  -9.150  1.00 1.00 ? 27 DT B O4     1 
ATOM 840 C C5     . DT B 2 10 ? -3.674  -11.407 -8.878  1.00 1.00 ? 27 DT B C5     1 
ATOM 841 C C7     . DT B 2 10 ? -2.397  -12.229 -8.862  1.00 1.00 ? 27 DT B C7     1 
ATOM 842 C C6     . DT B 2 10 ? -4.866  -12.029 -8.702  1.00 1.00 ? 27 DT B C6     1 
ATOM 843 H "H5'"  . DT B 2 10 ? -7.407  -14.712 -5.341  1.00 1.00 ? 27 DT B "H5'"  1 
ATOM 844 H "H5''" . DT B 2 10 ? -8.640  -15.675 -6.173  1.00 1.00 ? 27 DT B "H5''" 1 
ATOM 845 H "H4'"  . DT B 2 10 ? -8.900  -13.300 -6.602  1.00 1.00 ? 27 DT B "H4'"  1 
ATOM 846 H "H3'"  . DT B 2 10 ? -8.155  -15.170 -8.825  1.00 1.00 ? 27 DT B "H3'"  1 
ATOM 847 H "H2'"  . DT B 2 10 ? -6.694  -13.616 -9.712  1.00 1.00 ? 27 DT B "H2'"  1 
ATOM 848 H "H2''" . DT B 2 10 ? -8.180  -12.806 -10.230 1.00 1.00 ? 27 DT B "H2''" 1 
ATOM 849 H "H1'"  . DT B 2 10 ? -8.150  -11.419 -8.219  1.00 1.00 ? 27 DT B "H1'"  1 
ATOM 850 H H3     . DT B 2 10 ? -4.897  -8.360  -9.240  1.00 1.00 ? 27 DT B H3     1 
ATOM 851 H H71    . DT B 2 10 ? -1.909  -12.162 -9.833  1.00 1.00 ? 27 DT B H71    1 
ATOM 852 H H72    . DT B 2 10 ? -2.611  -13.279 -8.651  1.00 1.00 ? 27 DT B H72    1 
ATOM 853 H H73    . DT B 2 10 ? -1.718  -11.857 -8.096  1.00 1.00 ? 27 DT B H73    1 
ATOM 854 H H6     . DT B 2 10 ? -4.941  -13.090 -8.546  1.00 1.00 ? 27 DT B H6     1 
ATOM 855 P P      . DG B 2 11 ? -10.586 -14.656 -10.116 1.00 1.00 ? 28 DG B P      1 
ATOM 856 O OP1    . DG B 2 11 ? -12.030 -14.773 -9.814  1.00 1.00 ? 28 DG B OP1    1 
ATOM 857 O OP2    . DG B 2 11 ? -9.833  -15.859 -10.535 1.00 1.00 ? 28 DG B OP2    1 
ATOM 858 O "O5'"  . DG B 2 11 ? -10.408 -13.541 -11.272 1.00 1.00 ? 28 DG B "O5'"  1 
ATOM 859 C "C5'"  . DG B 2 11 ? -11.313 -12.461 -11.394 1.00 1.00 ? 28 DG B "C5'"  1 
ATOM 860 C "C4'"  . DG B 2 11 ? -10.924 -11.538 -12.553 1.00 1.00 ? 28 DG B "C4'"  1 
ATOM 861 O "O4'"  . DG B 2 11 ? -9.703  -10.883 -12.281 1.00 1.00 ? 28 DG B "O4'"  1 
ATOM 862 C "C3'"  . DG B 2 11 ? -10.818 -12.230 -13.915 1.00 1.00 ? 28 DG B "C3'"  1 
ATOM 863 O "O3'"  . DG B 2 11 ? -11.584 -11.520 -14.879 1.00 1.00 ? 28 DG B "O3'"  1 
ATOM 864 C "C2'"  . DG B 2 11 ? -9.327  -12.166 -14.164 1.00 1.00 ? 28 DG B "C2'"  1 
ATOM 865 C "C1'"  . DG B 2 11 ? -8.929  -10.873 -13.460 1.00 1.00 ? 28 DG B "C1'"  1 
ATOM 866 N N9     . DG B 2 11 ? -7.517  -10.836 -13.051 1.00 1.00 ? 28 DG B N9     1 
ATOM 867 C C8     . DG B 2 11 ? -6.776  -11.860 -12.541 1.00 1.00 ? 28 DG B C8     1 
ATOM 868 N N7     . DG B 2 11 ? -5.569  -11.530 -12.181 1.00 1.00 ? 28 DG B N7     1 
ATOM 869 C C5     . DG B 2 11 ? -5.507  -10.173 -12.481 1.00 1.00 ? 28 DG B C5     1 
ATOM 870 C C6     . DG B 2 11 ? -4.421  -9.260  -12.353 1.00 1.00 ? 28 DG B C6     1 
ATOM 871 O O6     . DG B 2 11 ? -3.270  -9.515  -12.017 1.00 1.00 ? 28 DG B O6     1 
ATOM 872 N N1     . DG B 2 11 ? -4.782  -7.951  -12.670 1.00 1.00 ? 28 DG B N1     1 
ATOM 873 C C2     . DG B 2 11 ? -6.030  -7.583  -13.137 1.00 1.00 ? 28 DG B C2     1 
ATOM 874 N N2     . DG B 2 11 ? -6.241  -6.283  -13.371 1.00 1.00 ? 28 DG B N2     1 
ATOM 875 N N3     . DG B 2 11 ? -7.030  -8.457  -13.339 1.00 1.00 ? 28 DG B N3     1 
ATOM 876 C C4     . DG B 2 11 ? -6.704  -9.732  -12.990 1.00 1.00 ? 28 DG B C4     1 
ATOM 877 H "H5'"  . DG B 2 11 ? -11.324 -11.885 -10.468 1.00 1.00 ? 28 DG B "H5'"  1 
ATOM 878 H "H5''" . DG B 2 11 ? -12.316 -12.847 -11.586 1.00 1.00 ? 28 DG B "H5''" 1 
ATOM 879 H "H4'"  . DG B 2 11 ? -11.678 -10.776 -12.640 1.00 1.00 ? 28 DG B "H4'"  1 
ATOM 880 H "H3'"  . DG B 2 11 ? -11.123 -13.265 -13.865 1.00 1.00 ? 28 DG B "H3'"  1 
ATOM 881 H "H2'"  . DG B 2 11 ? -8.901  -13.058 -13.716 1.00 1.00 ? 28 DG B "H2'"  1 
ATOM 882 H "H2''" . DG B 2 11 ? -9.095  -12.148 -15.212 1.00 1.00 ? 28 DG B "H2''" 1 
ATOM 883 H "H1'"  . DG B 2 11 ? -9.159  -10.034 -14.115 1.00 1.00 ? 28 DG B "H1'"  1 
ATOM 884 H H8     . DG B 2 11 ? -7.197  -12.843 -12.463 1.00 1.00 ? 28 DG B H8     1 
ATOM 885 H H1     . DG B 2 11 ? -4.072  -7.236  -12.572 1.00 1.00 ? 28 DG B H1     1 
ATOM 886 H H21    . DG B 2 11 ? -5.508  -5.604  -13.220 1.00 1.00 ? 28 DG B H21    1 
ATOM 887 H H22    . DG B 2 11 ? -7.139  -5.982  -13.718 1.00 1.00 ? 28 DG B H22    1 
ATOM 888 P P      . DC B 2 12 ? -11.739 -12.019 -16.412 1.00 1.00 ? 29 DC B P      1 
ATOM 889 O OP1    . DC B 2 12 ? -12.952 -11.392 -16.983 1.00 1.00 ? 29 DC B OP1    1 
ATOM 890 O OP2    . DC B 2 12 ? -11.584 -13.489 -16.452 1.00 1.00 ? 29 DC B OP2    1 
ATOM 891 O "O5'"  . DC B 2 12 ? -10.454 -11.361 -17.128 1.00 1.00 ? 29 DC B "O5'"  1 
ATOM 892 C "C5'"  . DC B 2 12 ? -10.382 -9.969  -17.367 1.00 1.00 ? 29 DC B "C5'"  1 
ATOM 893 C "C4'"  . DC B 2 12 ? -8.965  -9.542  -17.727 1.00 1.00 ? 29 DC B "C4'"  1 
ATOM 894 O "O4'"  . DC B 2 12 ? -8.111  -9.706  -16.614 1.00 1.00 ? 29 DC B "O4'"  1 
ATOM 895 C "C3'"  . DC B 2 12 ? -8.329  -10.375 -18.828 1.00 1.00 ? 29 DC B "C3'"  1 
ATOM 896 O "O3'"  . DC B 2 12 ? -8.761  -9.995  -20.117 1.00 1.00 ? 29 DC B "O3'"  1 
ATOM 897 C "C2'"  . DC B 2 12 ? -6.866  -10.038 -18.591 1.00 1.00 ? 29 DC B "C2'"  1 
ATOM 898 C "C1'"  . DC B 2 12 ? -6.781  -9.706  -17.091 1.00 1.00 ? 29 DC B "C1'"  1 
ATOM 899 N N1     . DC B 2 12 ? -6.013  -10.759 -16.377 1.00 1.00 ? 29 DC B N1     1 
ATOM 900 C C2     . DC B 2 12 ? -4.813  -10.448 -15.731 1.00 1.00 ? 29 DC B C2     1 
ATOM 901 O O2     . DC B 2 12 ? -4.345  -9.313  -15.759 1.00 1.00 ? 29 DC B O2     1 
ATOM 902 N N3     . DC B 2 12 ? -4.165  -11.441 -15.058 1.00 1.00 ? 29 DC B N3     1 
ATOM 903 C C4     . DC B 2 12 ? -4.661  -12.686 -15.002 1.00 1.00 ? 29 DC B C4     1 
ATOM 904 N N4     . DC B 2 12 ? -4.000  -13.610 -14.298 1.00 1.00 ? 29 DC B N4     1 
ATOM 905 C C5     . DC B 2 12 ? -5.869  -13.032 -15.699 1.00 1.00 ? 29 DC B C5     1 
ATOM 906 C C6     . DC B 2 12 ? -6.488  -12.045 -16.375 1.00 1.00 ? 29 DC B C6     1 
ATOM 907 H "H5'"  . DC B 2 12 ? -10.613 -9.428  -16.458 1.00 1.00 ? 29 DC B "H5'"  1 
ATOM 908 H "H5''" . DC B 2 12 ? -11.075 -9.687  -18.160 1.00 1.00 ? 29 DC B "H5''" 1 
ATOM 909 H "H4'"  . DC B 2 12 ? -8.961  -8.489  -18.015 1.00 1.00 ? 29 DC B "H4'"  1 
ATOM 910 H "H3'"  . DC B 2 12 ? -8.479  -11.444 -18.655 1.00 1.00 ? 29 DC B "H3'"  1 
ATOM 911 H "HO3'" . DC B 2 12 ? -8.314  -10.546 -20.762 1.00 1.00 ? 29 DC B "HO3'" 1 
ATOM 912 H "H2'"  . DC B 2 12 ? -6.293  -10.926 -18.805 1.00 1.00 ? 29 DC B "H2'"  1 
ATOM 913 H "H2''" . DC B 2 12 ? -6.551  -9.208  -19.228 1.00 1.00 ? 29 DC B "H2''" 1 
ATOM 914 H "H1'"  . DC B 2 12 ? -6.385  -8.711  -16.917 1.00 1.00 ? 29 DC B "H1'"  1 
ATOM 915 H H41    . DC B 2 12 ? -3.163  -13.345 -13.798 1.00 1.00 ? 29 DC B H41    1 
ATOM 916 H H42    . DC B 2 12 ? -4.354  -14.553 -14.235 1.00 1.00 ? 29 DC B H42    1 
ATOM 917 H H5     . DC B 2 12 ? -6.340  -13.998 -15.710 1.00 1.00 ? 29 DC B H5     1 
ATOM 918 H H6     . DC B 2 12 ? -7.355  -12.295 -16.963 1.00 1.00 ? 29 DC B H6     1 
# 
